data_5HM3
#
_entry.id   5HM3
#
_cell.length_a   62.779
_cell.length_b   74.558
_cell.length_c   127.762
_cell.angle_alpha   90.00
_cell.angle_beta   90.00
_cell.angle_gamma   90.00
#
_symmetry.space_group_name_H-M   'P 21 21 21'
#
loop_
_entity.id
_entity.type
_entity.pdbx_description
1 polymer 'Long-chain-fatty-acid--AMP ligase FadD32'
2 non-polymer "5'-O-[(11-phenoxyundecanoyl)sulfamoyl]adenosine"
3 non-polymer 'CHLORIDE ION'
4 non-polymer 'PHOSPHATE ION'
5 non-polymer DI(HYDROXYETHYL)ETHER
6 non-polymer GLYCEROL
7 water water
#
_entity_poly.entity_id   1
_entity_poly.type   'polypeptide(L)'
_entity_poly.pdbx_seq_one_letter_code
;(MSE)GSSHHHHHHSSGLVPRGSH(MSE)FVTGESG(MSE)AYHNPFIVNGKIRFPANTNLVRHVEKWAKVRGDKLAYRF
LDFSTERDGVARDILWSDFSARNRAVGARLQQVTQPGDRVAILCPQNLDYLISFFGALYSGRIAVPLFDPAEPGHVGRLH
AVLDDCAPSTILTTTDSAEGVRKFIRARSAKERPRVIAVDAVPTEVAATWQQPEANEETVAYLQYTSGSTRIPSGVQITH
LNLPTNVVQVLNALEGQEGDRGVSWLPFFHD(MSE)GLITVLLASVLGHSFTF(MSE)TPAAFVRRPGRWIRELARKPGE
TGGTFSAAPNFAFEHAAVRGVPRDDEPPLDLSNVKGILNGSEPVSPAS(MSE)RKFFEAFAPYGLKQTAVKPSYGLAEAT
LFVSTTP(MSE)DEVPTVIHVDRDELNNQRFVEVAADAPNAVAQVSAGKVGVSEWAVIVDADTASELPDGQIGEIWLHGN
NLGTGYWGKEEESAQTFKNILKSRISESRAEGAPDDALWVRTGDYGTYFKDHLYIAGRIKDLVIIDGRNHYPQDLE
(CME)TAQESTKALRVGYAAAFSVPANQLPQTVFDDSHAGLKFDPEDTSEQLVIVGERAAGTHKLDHQPIVDDIRAAIAV
GHGVTVRDVLLVSAGTIPRTSSGKIGRRACRAAYLDGSLRSGVGSPTVFATSD
;
_entity_poly.pdbx_strand_id   A
#
loop_
_chem_comp.id
_chem_comp.type
_chem_comp.name
_chem_comp.formula
649 non-polymer 5'-O-[(11-phenoxyundecanoyl)sulfamoyl]adenosine 'C27 H38 N6 O8 S'
CL non-polymer 'CHLORIDE ION' 'Cl -1'
GOL non-polymer GLYCEROL 'C3 H8 O3'
PEG non-polymer DI(HYDROXYETHYL)ETHER 'C4 H10 O3'
PO4 non-polymer 'PHOSPHATE ION' 'O4 P -3'
#
# COMPACT_ATOMS: atom_id res chain seq x y z
N PHE A 22 16.83 21.60 0.47
CA PHE A 22 15.81 20.64 -0.04
C PHE A 22 14.43 21.07 0.44
N VAL A 23 14.32 21.30 1.74
CA VAL A 23 13.09 21.75 2.38
C VAL A 23 13.36 23.03 3.16
N THR A 24 12.39 23.93 3.22
CA THR A 24 12.55 25.22 3.93
C THR A 24 12.60 25.02 5.46
N GLY A 25 12.70 26.14 6.20
CA GLY A 25 12.74 26.11 7.66
C GLY A 25 13.98 26.81 8.19
N ASN A 33 12.52 26.20 -1.11
CA ASN A 33 12.78 25.07 -2.01
C ASN A 33 13.38 25.55 -3.35
N PRO A 34 14.64 25.11 -3.65
CA PRO A 34 15.29 25.49 -4.90
C PRO A 34 15.04 24.52 -6.06
N PHE A 35 14.36 23.39 -5.79
CA PHE A 35 14.08 22.40 -6.82
C PHE A 35 12.75 22.63 -7.56
N ILE A 36 12.05 23.71 -7.22
CA ILE A 36 10.80 24.06 -7.89
C ILE A 36 10.94 25.47 -8.46
N VAL A 37 11.13 25.54 -9.77
CA VAL A 37 11.29 26.81 -10.46
C VAL A 37 10.03 27.12 -11.26
N ASN A 38 9.40 28.24 -10.95
CA ASN A 38 8.17 28.67 -11.62
C ASN A 38 7.06 27.64 -11.56
N GLY A 39 6.90 27.04 -10.38
CA GLY A 39 5.86 26.04 -10.16
C GLY A 39 6.12 24.71 -10.85
N LYS A 40 7.38 24.40 -11.15
CA LYS A 40 7.72 23.14 -11.81
C LYS A 40 9.02 22.55 -11.26
N ILE A 41 9.04 21.23 -11.11
CA ILE A 41 10.22 20.53 -10.57
C ILE A 41 11.40 20.62 -11.53
N ARG A 42 12.62 20.69 -11.00
CA ARG A 42 13.79 20.87 -11.84
C ARG A 42 15.07 20.16 -11.34
N PHE A 43 15.61 20.60 -10.20
CA PHE A 43 16.90 20.09 -9.64
C PHE A 43 17.94 19.67 -10.67
N THR A 47 20.61 13.21 -12.57
CA THR A 47 20.76 13.05 -11.12
C THR A 47 21.07 11.60 -10.71
N ASN A 48 21.35 11.44 -9.43
CA ASN A 48 21.70 10.16 -8.82
C ASN A 48 21.62 10.30 -7.31
N LEU A 49 20.85 9.41 -6.64
CA LEU A 49 20.66 9.50 -5.19
C LEU A 49 21.92 9.25 -4.38
N VAL A 50 22.72 8.26 -4.80
CA VAL A 50 23.96 7.91 -4.12
C VAL A 50 24.77 9.18 -3.86
N ARG A 51 24.99 9.94 -4.92
CA ARG A 51 25.69 11.21 -4.81
C ARG A 51 25.07 12.05 -3.68
N HIS A 52 23.77 12.32 -3.77
CA HIS A 52 23.10 13.11 -2.73
C HIS A 52 23.13 12.49 -1.33
N VAL A 53 22.87 11.19 -1.22
CA VAL A 53 22.88 10.54 0.08
C VAL A 53 24.25 10.76 0.74
N GLU A 54 25.31 10.54 -0.03
CA GLU A 54 26.67 10.79 0.50
C GLU A 54 26.89 12.22 0.98
N LYS A 55 26.49 13.23 0.20
CA LYS A 55 26.70 14.61 0.67
C LYS A 55 25.92 14.84 1.97
N TRP A 56 24.67 14.38 1.95
CA TRP A 56 23.78 14.52 3.09
C TRP A 56 24.40 13.84 4.31
N ALA A 57 25.01 12.69 4.07
CA ALA A 57 25.63 11.93 5.14
C ALA A 57 26.85 12.61 5.75
N LYS A 58 27.73 13.15 4.90
CA LYS A 58 28.93 13.82 5.43
C LYS A 58 28.59 15.11 6.18
N VAL A 59 27.67 15.89 5.63
CA VAL A 59 27.26 17.14 6.25
C VAL A 59 26.72 16.92 7.67
N ARG A 60 25.88 15.90 7.83
CA ARG A 60 25.26 15.63 9.14
C ARG A 60 25.92 14.45 9.86
N GLY A 61 27.13 14.06 9.44
CA GLY A 61 27.84 12.95 10.07
C GLY A 61 27.84 13.09 11.58
N ASP A 62 27.73 11.97 12.28
CA ASP A 62 27.69 11.95 13.75
C ASP A 62 26.32 12.42 14.33
N LYS A 63 25.33 12.64 13.45
CA LYS A 63 23.97 12.90 13.90
C LYS A 63 23.28 11.57 13.69
N LEU A 64 22.23 11.33 14.44
CA LEU A 64 21.49 10.10 14.34
C LEU A 64 20.69 10.06 13.03
N ALA A 65 20.90 9.02 12.22
CA ALA A 65 20.17 8.87 10.95
C ALA A 65 18.90 8.06 11.11
N TYR A 66 19.02 6.87 11.70
CA TYR A 66 17.90 5.96 11.86
C TYR A 66 17.88 5.32 13.21
N ARG A 67 16.68 5.16 13.75
CA ARG A 67 16.50 4.46 15.00
C ARG A 67 15.45 3.35 14.77
N PHE A 68 15.86 2.12 15.00
CA PHE A 68 14.99 0.98 14.90
C PHE A 68 14.51 0.61 16.26
N LEU A 69 13.20 0.66 16.48
CA LEU A 69 12.64 0.22 17.76
C LEU A 69 12.34 -1.27 17.62
N ASP A 70 13.18 -2.09 18.24
CA ASP A 70 13.11 -3.54 18.18
C ASP A 70 12.31 -4.07 19.35
N PHE A 71 11.17 -4.66 19.06
CA PHE A 71 10.31 -5.23 20.06
C PHE A 71 10.28 -6.78 20.00
N SER A 72 11.27 -7.39 19.35
CA SER A 72 11.30 -8.85 19.15
C SER A 72 11.55 -9.67 20.40
N THR A 73 12.28 -9.10 21.35
CA THR A 73 12.62 -9.80 22.58
C THR A 73 11.96 -9.19 23.81
N GLU A 74 11.96 -7.87 23.87
CA GLU A 74 11.39 -7.15 25.00
C GLU A 74 10.13 -6.44 24.55
N ARG A 75 9.02 -6.68 25.24
CA ARG A 75 7.74 -6.09 24.87
C ARG A 75 7.79 -4.56 24.92
N ASP A 76 8.52 -4.02 25.88
CA ASP A 76 8.65 -2.57 25.99
C ASP A 76 9.64 -1.97 24.96
N GLY A 77 10.37 -2.82 24.26
CA GLY A 77 11.29 -2.40 23.19
C GLY A 77 12.74 -2.04 23.52
N VAL A 78 13.59 -2.12 22.49
CA VAL A 78 15.02 -1.73 22.54
C VAL A 78 15.37 -0.85 21.31
N ALA A 79 16.03 0.25 21.57
CA ALA A 79 16.45 1.18 20.51
C ALA A 79 17.78 0.80 19.88
N ARG A 80 17.80 0.66 18.55
CA ARG A 80 19.02 0.39 17.80
C ARG A 80 19.24 1.59 16.85
N ASP A 81 20.34 2.27 17.04
CA ASP A 81 20.66 3.50 16.34
C ASP A 81 21.85 3.40 15.41
N ILE A 82 21.84 4.20 14.35
CA ILE A 82 23.01 4.30 13.48
C ILE A 82 23.17 5.78 13.08
N LEU A 83 24.40 6.26 13.15
CA LEU A 83 24.75 7.64 12.82
C LEU A 83 24.95 7.77 11.32
N TRP A 84 24.78 8.98 10.77
CA TRP A 84 24.97 9.18 9.32
C TRP A 84 26.35 8.72 8.80
N SER A 85 27.40 9.00 9.55
CA SER A 85 28.74 8.60 9.12
C SER A 85 28.86 7.07 9.03
N ASP A 86 28.41 6.37 10.08
CA ASP A 86 28.45 4.90 10.10
C ASP A 86 27.61 4.33 8.95
N PHE A 87 26.39 4.88 8.79
CA PHE A 87 25.48 4.46 7.73
C PHE A 87 26.10 4.62 6.38
N SER A 88 26.72 5.77 6.16
CA SER A 88 27.38 6.05 4.91
C SER A 88 28.50 5.05 4.68
N ALA A 89 29.32 4.83 5.70
CA ALA A 89 30.42 3.85 5.62
C ALA A 89 29.92 2.44 5.26
N ARG A 90 28.90 1.97 5.99
CA ARG A 90 28.35 0.64 5.74
C ARG A 90 27.83 0.46 4.31
N ASN A 91 27.18 1.50 3.78
CA ASN A 91 26.65 1.44 2.42
C ASN A 91 27.78 1.31 1.42
N ARG A 92 28.87 2.02 1.67
CA ARG A 92 30.03 1.94 0.79
C ARG A 92 30.74 0.59 0.89
N ALA A 93 30.72 -0.05 2.05
CA ALA A 93 31.33 -1.38 2.22
C ALA A 93 30.54 -2.41 1.45
N VAL A 94 29.22 -2.38 1.63
CA VAL A 94 28.35 -3.31 0.95
C VAL A 94 28.39 -3.09 -0.55
N GLY A 95 28.40 -1.82 -0.96
CA GLY A 95 28.44 -1.45 -2.37
C GLY A 95 29.68 -2.03 -3.03
N ALA A 96 30.78 -1.98 -2.30
CA ALA A 96 32.06 -2.45 -2.81
C ALA A 96 32.11 -3.98 -2.89
N ARG A 97 31.59 -4.65 -1.87
CA ARG A 97 31.53 -6.10 -1.86
C ARG A 97 30.72 -6.57 -3.06
N LEU A 98 29.64 -5.86 -3.36
CA LEU A 98 28.78 -6.18 -4.51
C LEU A 98 29.49 -5.93 -5.83
N GLN A 99 30.19 -4.81 -5.92
CA GLN A 99 30.91 -4.48 -7.13
C GLN A 99 31.93 -5.57 -7.52
N GLN A 100 32.30 -6.43 -6.58
CA GLN A 100 33.25 -7.51 -6.83
C GLN A 100 32.59 -8.81 -7.27
N VAL A 101 31.56 -9.18 -6.52
CA VAL A 101 30.88 -10.46 -6.72
C VAL A 101 29.73 -10.46 -7.72
N THR A 102 29.44 -9.30 -8.31
CA THR A 102 28.34 -9.19 -9.28
C THR A 102 28.84 -8.52 -10.54
N GLN A 103 28.06 -8.66 -11.61
CA GLN A 103 28.34 -8.03 -12.90
C GLN A 103 27.34 -6.92 -13.11
N PRO A 104 27.65 -5.96 -14.00
CA PRO A 104 26.68 -4.89 -14.28
C PRO A 104 25.41 -5.48 -14.90
N GLY A 105 24.26 -4.96 -14.52
CA GLY A 105 22.98 -5.47 -15.04
C GLY A 105 22.32 -6.42 -14.06
N ASP A 106 23.12 -7.18 -13.32
CA ASP A 106 22.59 -8.12 -12.30
C ASP A 106 21.62 -7.48 -11.35
N ARG A 107 20.71 -8.29 -10.84
CA ARG A 107 19.77 -7.84 -9.85
C ARG A 107 20.25 -8.36 -8.52
N VAL A 108 20.07 -7.52 -7.50
CA VAL A 108 20.46 -7.85 -6.15
C VAL A 108 19.20 -7.80 -5.32
N ALA A 109 18.78 -8.95 -4.81
CA ALA A 109 17.55 -8.99 -4.02
C ALA A 109 17.85 -8.86 -2.54
N ILE A 110 17.00 -8.13 -1.84
CA ILE A 110 17.10 -7.98 -0.38
C ILE A 110 16.03 -8.88 0.31
N LEU A 111 16.47 -9.95 0.97
CA LEU A 111 15.64 -10.90 1.74
C LEU A 111 16.07 -10.77 3.18
N CYS A 112 15.59 -9.71 3.81
CA CYS A 112 15.98 -9.34 5.14
C CYS A 112 14.77 -8.94 5.98
N PRO A 113 14.83 -9.18 7.29
CA PRO A 113 13.70 -8.69 8.07
C PRO A 113 13.77 -7.18 8.15
N GLN A 114 12.75 -6.61 8.74
CA GLN A 114 12.70 -5.16 8.87
C GLN A 114 13.56 -4.70 10.03
N ASN A 115 14.72 -4.15 9.69
CA ASN A 115 15.66 -3.65 10.66
C ASN A 115 16.68 -2.76 9.95
N LEU A 116 17.75 -2.39 10.65
CA LEU A 116 18.75 -1.47 10.09
C LEU A 116 19.56 -2.11 8.94
N ASP A 117 19.79 -3.41 9.01
CA ASP A 117 20.52 -4.06 7.91
C ASP A 117 19.68 -4.05 6.64
N TYR A 118 18.36 -3.87 6.73
CA TYR A 118 17.53 -3.81 5.53
C TYR A 118 17.92 -2.56 4.74
N LEU A 119 18.01 -1.44 5.45
CA LEU A 119 18.35 -0.17 4.82
C LEU A 119 19.75 -0.21 4.25
N ILE A 120 20.68 -0.75 5.02
CA ILE A 120 22.06 -0.91 4.56
C ILE A 120 22.08 -1.82 3.34
N SER A 121 21.23 -2.83 3.32
CA SER A 121 21.16 -3.71 2.15
C SER A 121 20.64 -2.99 0.92
N PHE A 122 19.58 -2.21 1.10
CA PHE A 122 18.93 -1.51 0.01
C PHE A 122 19.81 -0.40 -0.53
N PHE A 123 20.29 0.46 0.35
CA PHE A 123 21.16 1.52 -0.03
C PHE A 123 22.45 0.95 -0.56
N GLY A 124 22.98 -0.05 0.11
CA GLY A 124 24.21 -0.69 -0.31
C GLY A 124 24.10 -1.17 -1.74
N ALA A 125 22.94 -1.73 -2.10
CA ALA A 125 22.71 -2.19 -3.46
C ALA A 125 22.74 -0.98 -4.41
N LEU A 126 22.05 0.09 -4.04
CA LEU A 126 22.05 1.30 -4.89
C LEU A 126 23.46 1.83 -5.04
N TYR A 127 24.23 1.81 -3.96
CA TYR A 127 25.62 2.25 -3.99
C TYR A 127 26.50 1.42 -4.92
N SER A 128 26.15 0.15 -5.11
CA SER A 128 26.93 -0.72 -6.01
C SER A 128 26.63 -0.43 -7.48
N GLY A 129 25.50 0.24 -7.75
CA GLY A 129 25.10 0.54 -9.12
C GLY A 129 24.21 -0.53 -9.75
N ARG A 130 24.05 -1.66 -9.06
CA ARG A 130 23.22 -2.74 -9.58
C ARG A 130 21.77 -2.47 -9.25
N ILE A 131 20.88 -3.17 -9.92
CA ILE A 131 19.45 -3.00 -9.69
C ILE A 131 18.99 -3.76 -8.45
N ALA A 132 18.52 -3.01 -7.46
CA ALA A 132 18.03 -3.59 -6.20
C ALA A 132 16.61 -4.14 -6.33
N VAL A 133 16.29 -5.15 -5.53
CA VAL A 133 14.96 -5.73 -5.52
C VAL A 133 14.63 -5.95 -4.05
N PRO A 134 13.97 -4.95 -3.42
CA PRO A 134 13.63 -5.08 -2.01
C PRO A 134 12.50 -6.06 -1.80
N LEU A 135 12.73 -7.04 -0.95
CA LEU A 135 11.73 -8.06 -0.71
C LEU A 135 11.66 -8.34 0.77
N PHE A 136 11.54 -9.61 1.15
CA PHE A 136 11.37 -9.92 2.56
C PHE A 136 12.03 -11.26 2.95
N ASP A 137 12.08 -11.50 4.24
CA ASP A 137 12.70 -12.69 4.78
C ASP A 137 11.77 -13.90 4.59
N PRO A 138 12.27 -14.97 3.93
CA PRO A 138 11.44 -16.16 3.73
C PRO A 138 10.97 -16.78 5.03
N ALA A 139 11.64 -16.42 6.13
CA ALA A 139 11.26 -16.91 7.44
C ALA A 139 10.06 -16.19 8.06
N GLU A 140 9.53 -15.16 7.41
N GLU A 140 9.53 -15.16 7.40
CA GLU A 140 8.33 -14.49 7.94
CA GLU A 140 8.39 -14.42 7.97
C GLU A 140 7.18 -15.13 7.17
C GLU A 140 7.11 -15.19 7.73
N PRO A 141 6.00 -15.17 7.79
N PRO A 141 6.17 -15.04 8.66
CA PRO A 141 4.85 -15.83 7.22
CA PRO A 141 4.85 -15.64 8.74
C PRO A 141 4.01 -14.99 6.26
C PRO A 141 4.23 -16.13 7.43
N GLY A 142 3.07 -15.66 5.60
N GLY A 142 4.19 -15.31 6.39
CA GLY A 142 2.15 -14.98 4.70
CA GLY A 142 3.58 -15.76 5.13
C GLY A 142 2.32 -15.21 3.20
C GLY A 142 3.95 -15.02 3.87
N HIS A 143 3.45 -14.79 2.64
N HIS A 143 3.41 -15.52 2.75
CA HIS A 143 3.61 -14.86 1.20
CA HIS A 143 3.64 -14.93 1.43
C HIS A 143 4.92 -15.43 0.65
C HIS A 143 4.91 -15.43 0.74
N VAL A 144 5.37 -16.56 1.19
N VAL A 144 5.43 -16.55 1.22
CA VAL A 144 6.59 -17.18 0.68
CA VAL A 144 6.64 -17.15 0.65
C VAL A 144 6.40 -17.57 -0.80
C VAL A 144 6.41 -17.54 -0.81
N GLY A 145 5.15 -17.84 -1.18
CA GLY A 145 4.81 -18.20 -2.55
C GLY A 145 5.15 -17.09 -3.54
N ARG A 146 4.94 -15.85 -3.10
N ARG A 146 4.94 -15.84 -3.13
CA ARG A 146 5.22 -14.68 -3.93
CA ARG A 146 5.23 -14.72 -4.03
C ARG A 146 6.73 -14.51 -4.14
C ARG A 146 6.73 -14.44 -4.12
N LEU A 147 7.50 -14.91 -3.13
CA LEU A 147 8.95 -14.74 -3.16
C LEU A 147 9.55 -15.61 -4.27
N HIS A 148 9.08 -16.84 -4.38
CA HIS A 148 9.53 -17.72 -5.45
C HIS A 148 9.22 -17.10 -6.80
N ALA A 149 8.00 -16.61 -6.95
CA ALA A 149 7.58 -15.99 -8.21
C ALA A 149 8.45 -14.79 -8.59
N VAL A 150 8.77 -13.93 -7.61
CA VAL A 150 9.58 -12.76 -7.87
C VAL A 150 11.01 -13.17 -8.23
N LEU A 151 11.57 -14.13 -7.51
CA LEU A 151 12.93 -14.58 -7.84
C LEU A 151 12.94 -15.21 -9.23
N ASP A 152 11.88 -15.95 -9.58
CA ASP A 152 11.78 -16.52 -10.93
C ASP A 152 11.81 -15.38 -11.92
N ASP A 153 11.03 -14.34 -11.64
CA ASP A 153 10.90 -13.23 -12.58
C ASP A 153 12.13 -12.35 -12.75
N CYS A 154 12.87 -12.06 -11.70
CA CYS A 154 14.05 -11.16 -11.86
C CYS A 154 15.41 -11.86 -11.67
N ALA A 155 15.37 -13.14 -11.34
CA ALA A 155 16.59 -13.96 -11.21
C ALA A 155 17.81 -13.18 -10.75
N PRO A 156 17.85 -12.79 -9.48
CA PRO A 156 18.99 -12.05 -9.00
C PRO A 156 20.21 -12.97 -8.87
N SER A 157 21.40 -12.41 -9.07
CA SER A 157 22.64 -13.15 -8.91
C SER A 157 23.08 -13.19 -7.44
N THR A 158 22.57 -12.25 -6.63
CA THR A 158 22.98 -12.12 -5.24
C THR A 158 21.84 -11.74 -4.31
N ILE A 159 21.83 -12.34 -3.14
CA ILE A 159 20.84 -12.09 -2.14
C ILE A 159 21.53 -11.39 -0.98
N LEU A 160 20.93 -10.33 -0.48
CA LEU A 160 21.39 -9.62 0.69
C LEU A 160 20.48 -9.92 1.89
N THR A 161 21.10 -10.27 3.01
CA THR A 161 20.36 -10.57 4.23
C THR A 161 21.23 -10.23 5.43
N THR A 162 20.81 -10.64 6.64
CA THR A 162 21.56 -10.44 7.89
C THR A 162 22.07 -11.79 8.32
N THR A 163 23.00 -11.82 9.27
CA THR A 163 23.57 -13.09 9.76
C THR A 163 22.55 -13.98 10.44
N ASP A 164 21.67 -13.42 11.26
CA ASP A 164 20.63 -14.21 11.95
C ASP A 164 19.62 -14.85 11.00
N SER A 165 19.41 -14.25 9.83
CA SER A 165 18.48 -14.78 8.84
C SER A 165 19.18 -15.60 7.75
N ALA A 166 20.50 -15.57 7.75
CA ALA A 166 21.24 -16.17 6.65
C ALA A 166 21.02 -17.64 6.46
N GLU A 167 21.09 -18.41 7.54
CA GLU A 167 20.89 -19.85 7.43
C GLU A 167 19.52 -20.10 6.81
N GLY A 168 18.50 -19.41 7.32
CA GLY A 168 17.16 -19.54 6.81
C GLY A 168 17.08 -19.18 5.34
N VAL A 169 17.75 -18.11 4.94
CA VAL A 169 17.76 -17.71 3.52
C VAL A 169 18.47 -18.74 2.63
N ARG A 170 19.62 -19.25 3.08
N ARG A 170 19.63 -19.24 3.07
CA ARG A 170 20.36 -20.25 2.31
CA ARG A 170 20.35 -20.24 2.31
C ARG A 170 19.52 -21.52 2.14
C ARG A 170 19.52 -21.51 2.14
N LYS A 171 18.77 -21.89 3.18
CA LYS A 171 17.93 -23.06 3.09
C LYS A 171 16.88 -22.85 2.00
N PHE A 172 16.24 -21.69 2.03
CA PHE A 172 15.23 -21.35 1.03
C PHE A 172 15.81 -21.37 -0.39
N ILE A 173 16.96 -20.74 -0.58
CA ILE A 173 17.62 -20.68 -1.88
C ILE A 173 18.06 -22.04 -2.40
N ARG A 174 18.53 -22.89 -1.49
CA ARG A 174 19.00 -24.23 -1.86
C ARG A 174 17.87 -25.06 -2.42
N ALA A 175 16.68 -24.90 -1.84
CA ALA A 175 15.50 -25.63 -2.29
C ALA A 175 15.11 -25.27 -3.72
N ARG A 176 15.69 -24.20 -4.29
CA ARG A 176 15.39 -23.84 -5.67
C ARG A 176 16.44 -24.47 -6.61
N SER A 177 16.23 -24.35 -7.92
CA SER A 177 17.16 -24.91 -8.91
C SER A 177 18.66 -24.61 -8.69
N ALA A 178 19.47 -25.67 -8.77
CA ALA A 178 20.92 -25.55 -8.60
C ALA A 178 21.57 -24.63 -9.63
N LYS A 179 21.06 -24.66 -10.87
CA LYS A 179 21.59 -23.80 -11.96
C LYS A 179 22.08 -22.42 -11.50
N GLU A 180 21.26 -21.39 -11.63
CA GLU A 180 21.68 -20.08 -11.18
C GLU A 180 21.35 -19.96 -9.71
N ARG A 181 22.16 -20.56 -8.85
CA ARG A 181 21.91 -20.45 -7.43
C ARG A 181 22.72 -19.24 -6.95
N PRO A 182 22.03 -18.16 -6.59
CA PRO A 182 22.67 -16.90 -6.22
C PRO A 182 23.43 -16.90 -4.90
N ARG A 183 24.48 -16.09 -4.84
CA ARG A 183 25.27 -15.95 -3.64
C ARG A 183 24.45 -15.24 -2.58
N VAL A 184 24.60 -15.67 -1.33
CA VAL A 184 23.94 -15.05 -0.20
C VAL A 184 24.99 -14.31 0.61
N ILE A 185 24.76 -13.01 0.85
CA ILE A 185 25.70 -12.19 1.60
C ILE A 185 25.05 -11.59 2.81
N ALA A 186 25.70 -11.77 3.95
CA ALA A 186 25.21 -11.25 5.23
C ALA A 186 25.85 -9.91 5.36
N VAL A 187 25.08 -8.82 5.26
CA VAL A 187 25.71 -7.49 5.24
C VAL A 187 26.41 -7.08 6.52
N ASP A 188 25.92 -7.54 7.67
CA ASP A 188 26.58 -7.19 8.91
C ASP A 188 27.93 -7.89 9.10
N ALA A 189 28.26 -8.85 8.22
CA ALA A 189 29.52 -9.60 8.26
C ALA A 189 30.59 -8.99 7.35
N VAL A 190 30.19 -8.01 6.54
N VAL A 190 30.19 -8.01 6.54
CA VAL A 190 31.08 -7.33 5.63
CA VAL A 190 31.09 -7.32 5.63
C VAL A 190 31.81 -6.25 6.44
C VAL A 190 31.82 -6.24 6.44
N PRO A 191 33.16 -6.31 6.50
CA PRO A 191 33.89 -5.30 7.27
C PRO A 191 33.74 -3.91 6.71
N THR A 192 33.64 -2.92 7.59
CA THR A 192 33.49 -1.53 7.15
C THR A 192 34.68 -1.00 6.27
N GLU A 193 35.93 -1.38 6.58
CA GLU A 193 37.06 -0.85 5.80
C GLU A 193 37.02 -1.22 4.29
N VAL A 194 36.22 -2.23 3.93
CA VAL A 194 36.02 -2.62 2.52
C VAL A 194 35.50 -1.44 1.68
N ALA A 195 34.89 -0.48 2.36
CA ALA A 195 34.39 0.74 1.73
C ALA A 195 35.49 1.48 0.93
N ALA A 196 36.73 1.32 1.35
CA ALA A 196 37.86 1.98 0.70
C ALA A 196 38.04 1.56 -0.76
N THR A 197 37.46 0.42 -1.15
CA THR A 197 37.61 -0.03 -2.54
C THR A 197 36.35 0.27 -3.34
N TRP A 198 35.39 0.98 -2.73
CA TRP A 198 34.14 1.33 -3.39
C TRP A 198 34.36 2.39 -4.44
N GLN A 199 33.70 2.22 -5.58
CA GLN A 199 33.77 3.15 -6.68
C GLN A 199 32.39 3.70 -6.97
N GLN A 200 32.27 5.03 -6.95
CA GLN A 200 31.05 5.73 -7.30
C GLN A 200 30.42 5.17 -8.55
N PRO A 201 29.21 4.60 -8.44
CA PRO A 201 28.57 4.18 -9.66
C PRO A 201 28.18 5.44 -10.45
N GLU A 202 28.12 5.31 -11.76
CA GLU A 202 27.75 6.39 -12.65
C GLU A 202 26.36 6.06 -13.14
N ALA A 203 25.41 6.95 -12.89
CA ALA A 203 24.03 6.68 -13.30
C ALA A 203 23.37 7.86 -14.00
N ASN A 204 22.52 7.51 -14.95
CA ASN A 204 21.74 8.47 -15.72
C ASN A 204 20.39 8.60 -15.04
N GLU A 205 19.67 9.68 -15.36
CA GLU A 205 18.34 9.90 -14.81
C GLU A 205 17.37 8.76 -15.19
N GLU A 206 17.47 8.25 -16.43
CA GLU A 206 16.61 7.14 -16.92
C GLU A 206 17.07 5.72 -16.50
N THR A 207 18.17 5.63 -15.77
CA THR A 207 18.67 4.35 -15.29
C THR A 207 17.74 3.81 -14.20
N VAL A 208 17.46 2.51 -14.27
CA VAL A 208 16.64 1.81 -13.31
C VAL A 208 17.46 1.64 -12.06
N ALA A 209 16.91 2.11 -10.93
CA ALA A 209 17.57 2.03 -9.64
C ALA A 209 17.13 0.78 -8.88
N TYR A 210 15.83 0.49 -8.93
CA TYR A 210 15.34 -0.73 -8.30
C TYR A 210 14.02 -1.16 -8.89
N LEU A 211 13.61 -2.37 -8.52
CA LEU A 211 12.36 -2.93 -8.95
C LEU A 211 11.43 -3.03 -7.77
N GLN A 212 10.21 -2.53 -7.95
CA GLN A 212 9.19 -2.60 -6.92
C GLN A 212 8.13 -3.60 -7.36
N TYR A 213 8.19 -4.79 -6.79
CA TYR A 213 7.22 -5.82 -7.15
C TYR A 213 5.83 -5.59 -6.60
N THR A 214 4.84 -5.79 -7.47
CA THR A 214 3.42 -5.68 -7.16
C THR A 214 2.69 -6.83 -7.86
N SER A 215 1.61 -7.32 -7.24
CA SER A 215 0.81 -8.41 -7.83
C SER A 215 0.01 -7.83 -9.00
N GLY A 216 0.65 -7.77 -10.17
CA GLY A 216 0.05 -7.19 -11.37
C GLY A 216 -1.14 -7.91 -11.99
N SER A 217 -1.34 -7.63 -13.27
CA SER A 217 -2.45 -8.18 -14.09
C SER A 217 -2.64 -9.70 -14.00
N THR A 218 -1.56 -10.45 -13.76
CA THR A 218 -1.63 -11.91 -13.70
C THR A 218 -0.96 -12.52 -12.45
N ARG A 219 -0.95 -13.85 -12.40
CA ARG A 219 -0.33 -14.61 -11.32
C ARG A 219 1.15 -14.27 -11.23
N ILE A 220 1.77 -14.03 -12.39
CA ILE A 220 3.18 -13.65 -12.47
C ILE A 220 3.25 -12.20 -11.95
N PRO A 221 4.05 -11.95 -10.90
CA PRO A 221 4.11 -10.59 -10.38
C PRO A 221 4.86 -9.65 -11.30
N SER A 222 4.59 -8.36 -11.18
CA SER A 222 5.21 -7.35 -12.01
C SER A 222 6.20 -6.50 -11.20
N GLY A 223 7.40 -6.33 -11.77
CA GLY A 223 8.44 -5.54 -11.12
C GLY A 223 8.50 -4.17 -11.75
N VAL A 224 7.96 -3.18 -11.06
CA VAL A 224 7.95 -1.81 -11.57
C VAL A 224 9.37 -1.24 -11.56
N GLN A 225 9.81 -0.76 -12.70
CA GLN A 225 11.13 -0.15 -12.83
C GLN A 225 11.13 1.28 -12.35
N ILE A 226 11.67 1.51 -11.16
CA ILE A 226 11.77 2.85 -10.58
C ILE A 226 13.17 3.37 -10.87
N THR A 227 13.24 4.52 -11.56
CA THR A 227 14.52 5.12 -11.97
C THR A 227 15.09 6.13 -11.02
N HIS A 228 16.30 6.60 -11.33
CA HIS A 228 16.98 7.62 -10.52
C HIS A 228 16.29 8.96 -10.57
N LEU A 229 15.46 9.17 -11.60
CA LEU A 229 14.71 10.41 -11.73
C LEU A 229 13.37 10.28 -11.01
N ASN A 230 12.76 9.09 -11.08
CA ASN A 230 11.48 8.84 -10.37
C ASN A 230 11.57 9.14 -8.87
N LEU A 231 12.62 8.65 -8.23
CA LEU A 231 12.75 8.83 -6.77
C LEU A 231 12.77 10.26 -6.31
N PRO A 232 13.83 11.01 -6.66
CA PRO A 232 13.87 12.37 -6.18
C PRO A 232 12.67 13.22 -6.59
N THR A 233 12.10 12.97 -7.77
CA THR A 233 10.93 13.73 -8.21
C THR A 233 9.75 13.51 -7.27
N ASN A 234 9.50 12.26 -6.89
CA ASN A 234 8.33 11.96 -6.04
C ASN A 234 8.56 12.46 -4.62
N VAL A 235 9.81 12.48 -4.15
CA VAL A 235 10.12 12.98 -2.82
C VAL A 235 9.75 14.48 -2.75
N VAL A 236 10.15 15.22 -3.77
CA VAL A 236 9.82 16.64 -3.87
C VAL A 236 8.30 16.82 -3.97
N GLN A 237 7.65 15.96 -4.76
CA GLN A 237 6.19 16.02 -4.88
C GLN A 237 5.56 15.88 -3.50
N VAL A 238 6.01 14.88 -2.75
CA VAL A 238 5.45 14.66 -1.42
C VAL A 238 5.75 15.80 -0.45
N LEU A 239 7.02 16.16 -0.30
CA LEU A 239 7.42 17.22 0.65
C LEU A 239 6.79 18.57 0.31
N ASN A 240 6.54 18.80 -0.97
CA ASN A 240 5.88 20.04 -1.36
C ASN A 240 4.44 20.02 -0.85
N ALA A 241 3.73 18.92 -1.09
CA ALA A 241 2.34 18.80 -0.66
C ALA A 241 2.18 18.84 0.86
N LEU A 242 3.14 18.31 1.59
CA LEU A 242 3.06 18.30 3.05
C LEU A 242 3.66 19.53 3.70
N GLU A 243 4.39 20.33 2.93
CA GLU A 243 5.05 21.51 3.44
C GLU A 243 6.03 21.08 4.53
N GLY A 244 6.76 19.99 4.24
CA GLY A 244 7.73 19.45 5.15
C GLY A 244 8.81 20.49 5.38
N GLN A 245 9.10 20.76 6.63
CA GLN A 245 10.12 21.72 7.01
C GLN A 245 11.24 21.07 7.79
N GLU A 246 12.41 21.70 7.74
CA GLU A 246 13.54 21.26 8.52
C GLU A 246 13.05 21.30 9.98
N GLY A 247 13.43 20.29 10.74
CA GLY A 247 12.97 20.19 12.12
C GLY A 247 11.85 19.18 12.24
N ASP A 248 11.18 18.82 11.14
CA ASP A 248 10.12 17.82 11.20
C ASP A 248 10.75 16.43 11.21
N ARG A 249 9.95 15.41 11.51
CA ARG A 249 10.46 14.06 11.52
C ARG A 249 9.42 13.03 11.13
N GLY A 250 9.89 11.93 10.55
CA GLY A 250 9.04 10.82 10.12
C GLY A 250 9.07 9.64 11.09
N VAL A 251 7.95 8.94 11.18
CA VAL A 251 7.77 7.75 12.01
C VAL A 251 7.04 6.70 11.16
N SER A 252 7.41 5.43 11.27
CA SER A 252 6.75 4.43 10.48
C SER A 252 6.88 3.00 10.97
N TRP A 253 5.87 2.20 10.65
CA TRP A 253 5.86 0.78 10.94
C TRP A 253 5.60 0.00 9.64
N LEU A 254 5.49 0.70 8.53
CA LEU A 254 5.13 0.04 7.27
C LEU A 254 6.25 -0.79 6.77
N PRO A 255 5.92 -1.93 6.13
CA PRO A 255 6.93 -2.83 5.60
C PRO A 255 7.77 -2.20 4.50
N PHE A 256 9.09 -2.36 4.58
CA PHE A 256 9.98 -1.81 3.56
C PHE A 256 9.82 -2.49 2.20
N PHE A 257 9.23 -3.69 2.19
CA PHE A 257 8.97 -4.41 0.93
C PHE A 257 7.74 -3.92 0.17
N HIS A 258 7.09 -2.88 0.69
CA HIS A 258 5.94 -2.28 0.03
C HIS A 258 6.29 -0.82 -0.29
N ASP A 259 5.78 -0.31 -1.39
CA ASP A 259 6.14 1.05 -1.81
C ASP A 259 5.94 2.12 -0.73
N MSE A 260 4.83 2.08 -0.01
CA MSE A 260 4.52 3.08 1.02
C MSE A 260 5.54 3.03 2.16
O MSE A 260 5.90 4.07 2.71
CB MSE A 260 3.06 2.91 1.53
CG MSE A 260 2.52 4.25 2.04
SE MSE A 260 0.57 4.31 2.29
CE MSE A 260 0.34 2.67 3.32
N GLY A 261 6.02 1.85 2.50
CA GLY A 261 7.00 1.68 3.57
C GLY A 261 8.39 2.08 3.16
N LEU A 262 8.78 1.71 1.95
CA LEU A 262 10.10 2.04 1.43
C LEU A 262 10.28 3.51 1.13
N ILE A 263 9.32 4.10 0.43
CA ILE A 263 9.47 5.49 0.05
C ILE A 263 9.44 6.40 1.27
N THR A 264 8.71 5.98 2.29
CA THR A 264 8.65 6.71 3.53
C THR A 264 10.00 6.85 4.16
N VAL A 265 10.88 5.86 3.97
CA VAL A 265 12.22 5.92 4.53
C VAL A 265 12.98 7.09 3.94
N LEU A 266 12.83 7.27 2.64
CA LEU A 266 13.51 8.33 1.93
C LEU A 266 12.92 9.70 2.28
N LEU A 267 11.59 9.77 2.37
CA LEU A 267 10.93 11.03 2.70
C LEU A 267 11.40 11.52 4.06
N ALA A 268 11.26 10.65 5.07
CA ALA A 268 11.68 10.99 6.41
C ALA A 268 13.17 11.33 6.50
N SER A 269 14.00 10.63 5.74
CA SER A 269 15.45 10.86 5.75
C SER A 269 15.88 12.27 5.34
N VAL A 270 15.10 12.95 4.51
CA VAL A 270 15.51 14.29 4.06
C VAL A 270 14.95 15.45 4.90
N LEU A 271 14.20 15.13 5.97
CA LEU A 271 13.63 16.17 6.86
C LEU A 271 14.67 16.78 7.82
N GLY A 272 15.83 16.14 7.94
CA GLY A 272 16.92 16.66 8.76
C GLY A 272 16.86 16.19 10.19
N HIS A 273 16.05 15.17 10.44
CA HIS A 273 15.93 14.59 11.75
C HIS A 273 15.91 13.06 11.57
N SER A 274 16.35 12.32 12.56
CA SER A 274 16.36 10.86 12.46
C SER A 274 14.99 10.27 12.13
N PHE A 275 15.01 9.12 11.46
CA PHE A 275 13.80 8.42 11.10
C PHE A 275 13.67 7.29 12.07
N THR A 276 12.50 7.14 12.67
CA THR A 276 12.25 6.09 13.62
C THR A 276 11.24 5.08 13.06
N PHE A 277 11.61 3.80 13.07
CA PHE A 277 10.68 2.78 12.59
C PHE A 277 10.64 1.54 13.47
N MSE A 278 9.63 0.73 13.22
CA MSE A 278 9.43 -0.53 13.90
C MSE A 278 8.95 -1.50 12.85
O MSE A 278 8.79 -1.13 11.68
CB MSE A 278 8.42 -0.39 15.05
CG MSE A 278 6.98 -0.22 14.61
SE MSE A 278 5.85 0.46 16.09
CE MSE A 278 6.63 2.25 16.25
N THR A 279 8.72 -2.73 13.24
CA THR A 279 8.17 -3.73 12.31
C THR A 279 6.65 -3.64 12.31
N PRO A 280 6.02 -4.07 11.21
CA PRO A 280 4.55 -4.10 11.12
C PRO A 280 3.93 -4.97 12.22
N ALA A 281 4.58 -6.10 12.52
CA ALA A 281 4.07 -7.03 13.54
C ALA A 281 4.06 -6.35 14.91
N ALA A 282 5.06 -5.52 15.17
CA ALA A 282 5.13 -4.80 16.44
C ALA A 282 3.99 -3.80 16.55
N PHE A 283 3.61 -3.19 15.44
CA PHE A 283 2.48 -2.27 15.43
C PHE A 283 1.15 -2.99 15.67
N VAL A 284 0.97 -4.10 14.97
CA VAL A 284 -0.24 -4.88 15.10
C VAL A 284 -0.39 -5.39 16.53
N ARG A 285 0.67 -5.94 17.09
CA ARG A 285 0.61 -6.44 18.46
C ARG A 285 0.24 -5.34 19.49
N ARG A 286 0.83 -4.15 19.37
N ARG A 286 0.82 -4.15 19.37
CA ARG A 286 0.52 -3.03 20.28
CA ARG A 286 0.50 -3.04 20.29
C ARG A 286 0.63 -1.71 19.54
C ARG A 286 0.63 -1.72 19.55
N PRO A 287 -0.47 -1.27 18.89
CA PRO A 287 -0.46 -0.05 18.09
C PRO A 287 -0.12 1.21 18.86
N GLY A 288 -0.25 1.17 20.18
CA GLY A 288 0.16 2.28 21.03
C GLY A 288 1.64 2.62 20.89
N ARG A 289 2.46 1.66 20.44
CA ARG A 289 3.89 1.93 20.19
C ARG A 289 4.07 3.00 19.10
N TRP A 290 3.21 2.96 18.09
CA TRP A 290 3.24 3.92 16.97
C TRP A 290 2.73 5.27 17.45
N ILE A 291 1.59 5.25 18.11
CA ILE A 291 1.00 6.44 18.68
C ILE A 291 2.04 7.13 19.56
N ARG A 292 2.72 6.34 20.36
CA ARG A 292 3.73 6.87 21.25
C ARG A 292 4.85 7.58 20.49
N GLU A 293 5.35 6.98 19.41
CA GLU A 293 6.45 7.61 18.66
C GLU A 293 6.02 8.83 17.88
N LEU A 294 4.73 8.91 17.57
CA LEU A 294 4.18 10.07 16.89
C LEU A 294 4.09 11.28 17.81
N ALA A 295 4.06 11.03 19.13
CA ALA A 295 3.91 12.10 20.14
C ALA A 295 5.07 13.08 20.20
N ARG A 296 4.82 14.24 20.77
CA ARG A 296 5.85 15.23 20.90
C ARG A 296 6.94 14.75 21.86
N LYS A 297 8.20 14.94 21.46
CA LYS A 297 9.34 14.67 22.31
C LYS A 297 9.56 15.96 23.14
N PRO A 298 10.10 15.85 24.35
CA PRO A 298 10.31 17.08 25.15
C PRO A 298 11.23 18.12 24.42
N GLY A 299 10.79 19.37 24.37
CA GLY A 299 11.54 20.44 23.70
C GLY A 299 11.58 20.38 22.17
N GLU A 300 10.72 19.58 21.58
CA GLU A 300 10.67 19.48 20.13
C GLU A 300 9.70 20.54 19.64
N THR A 301 10.10 21.36 18.67
CA THR A 301 9.20 22.36 18.10
C THR A 301 8.64 21.97 16.73
N GLY A 302 9.26 20.97 16.07
CA GLY A 302 8.81 20.53 14.74
C GLY A 302 7.60 19.61 14.81
N GLY A 303 7.22 19.09 13.65
CA GLY A 303 6.08 18.20 13.59
C GLY A 303 6.46 16.84 13.08
N THR A 304 5.55 15.88 13.26
N THR A 304 5.54 15.89 13.26
CA THR A 304 5.74 14.52 12.82
CA THR A 304 5.73 14.52 12.85
C THR A 304 4.81 14.14 11.67
C THR A 304 4.80 14.12 11.69
N PHE A 305 5.31 13.26 10.81
CA PHE A 305 4.59 12.75 9.69
C PHE A 305 4.68 11.23 9.74
N SER A 306 3.67 10.59 9.21
CA SER A 306 3.65 9.14 9.09
C SER A 306 2.62 8.83 8.01
N ALA A 307 2.43 7.56 7.74
CA ALA A 307 1.49 7.09 6.73
C ALA A 307 0.98 5.73 7.16
N ALA A 308 -0.25 5.40 6.79
CA ALA A 308 -0.80 4.09 7.11
C ALA A 308 -2.04 3.78 6.29
N PRO A 309 -2.32 2.48 6.10
CA PRO A 309 -3.52 2.08 5.43
C PRO A 309 -4.72 2.21 6.37
N ASN A 310 -5.89 2.42 5.79
CA ASN A 310 -7.13 2.56 6.53
C ASN A 310 -7.32 1.63 7.73
N PHE A 311 -7.09 0.33 7.55
CA PHE A 311 -7.36 -0.65 8.61
C PHE A 311 -6.61 -0.40 9.88
N ALA A 312 -5.51 0.34 9.77
CA ALA A 312 -4.66 0.64 10.89
C ALA A 312 -5.18 1.75 11.76
N PHE A 313 -6.00 2.64 11.20
CA PHE A 313 -6.61 3.70 11.97
C PHE A 313 -7.68 3.06 12.88
N GLU A 314 -8.38 2.07 12.34
CA GLU A 314 -9.39 1.35 13.10
C GLU A 314 -8.72 0.65 14.27
N HIS A 315 -7.67 -0.12 13.94
CA HIS A 315 -6.91 -0.89 14.93
C HIS A 315 -6.34 0.02 16.04
N ALA A 316 -5.73 1.13 15.65
CA ALA A 316 -5.14 2.02 16.62
C ALA A 316 -6.20 2.74 17.45
N ALA A 317 -7.35 3.07 16.85
CA ALA A 317 -8.42 3.73 17.58
C ALA A 317 -8.94 2.83 18.68
N VAL A 318 -9.04 1.54 18.37
CA VAL A 318 -9.56 0.58 19.33
C VAL A 318 -8.51 0.06 20.32
N ARG A 319 -7.29 -0.15 19.87
CA ARG A 319 -6.26 -0.79 20.71
C ARG A 319 -5.11 0.09 21.13
N GLY A 320 -5.01 1.30 20.62
CA GLY A 320 -3.85 2.14 20.94
C GLY A 320 -4.02 3.34 21.84
N VAL A 321 -5.12 3.42 22.55
CA VAL A 321 -5.33 4.53 23.48
C VAL A 321 -4.51 4.21 24.74
N PRO A 322 -3.76 5.20 25.26
CA PRO A 322 -2.98 4.91 26.46
C PRO A 322 -3.83 4.78 27.72
N ARG A 323 -3.42 3.89 28.62
CA ARG A 323 -4.12 3.71 29.89
C ARG A 323 -3.86 4.88 30.86
N ASP A 324 -4.39 4.74 32.08
CA ASP A 324 -4.22 5.74 33.13
C ASP A 324 -2.77 5.80 33.60
N ASP A 325 -2.11 4.65 33.60
CA ASP A 325 -0.71 4.50 34.03
C ASP A 325 0.32 5.30 33.24
N GLU A 326 0.22 5.22 31.92
CA GLU A 326 1.21 5.81 31.01
C GLU A 326 1.52 7.31 31.19
N PRO A 327 2.75 7.70 30.85
CA PRO A 327 3.15 9.11 30.92
C PRO A 327 2.32 9.97 29.95
N PRO A 328 2.17 11.26 30.26
CA PRO A 328 1.36 12.14 29.41
C PRO A 328 1.61 11.92 27.93
N LEU A 329 0.55 12.00 27.13
CA LEU A 329 0.65 11.83 25.67
C LEU A 329 0.12 13.09 24.99
N ASP A 330 0.96 13.71 24.14
CA ASP A 330 0.59 14.94 23.41
C ASP A 330 0.78 14.73 21.90
N LEU A 331 -0.31 14.78 21.15
CA LEU A 331 -0.24 14.59 19.72
C LEU A 331 -0.42 15.88 18.95
N SER A 332 -0.37 17.02 19.63
CA SER A 332 -0.57 18.31 18.98
C SER A 332 0.50 18.64 17.96
N ASN A 333 1.63 17.93 18.03
CA ASN A 333 2.76 18.07 17.10
C ASN A 333 2.59 17.29 15.79
N VAL A 334 1.62 16.38 15.75
CA VAL A 334 1.40 15.57 14.53
C VAL A 334 0.91 16.46 13.40
N LYS A 335 1.71 16.58 12.35
CA LYS A 335 1.34 17.38 11.17
C LYS A 335 0.51 16.62 10.16
N GLY A 336 0.87 15.36 9.91
CA GLY A 336 0.14 14.57 8.94
C GLY A 336 0.38 13.07 8.95
N ILE A 337 -0.71 12.33 9.11
CA ILE A 337 -0.67 10.90 8.99
C ILE A 337 -1.44 10.65 7.70
N LEU A 338 -0.74 10.26 6.66
CA LEU A 338 -1.39 10.00 5.39
C LEU A 338 -2.11 8.68 5.47
N ASN A 339 -3.35 8.70 5.03
CA ASN A 339 -4.19 7.55 5.06
C ASN A 339 -4.42 7.16 3.61
N GLY A 340 -3.83 6.05 3.20
CA GLY A 340 -3.93 5.60 1.83
C GLY A 340 -3.49 4.18 1.63
N SER A 341 -3.69 3.70 0.39
CA SER A 341 -3.38 2.34 -0.10
C SER A 341 -4.67 1.51 -0.27
N GLU A 342 -5.76 1.95 0.37
CA GLU A 342 -7.07 1.29 0.29
C GLU A 342 -8.19 2.30 0.56
N PRO A 343 -9.45 1.94 0.25
CA PRO A 343 -10.51 2.90 0.49
C PRO A 343 -10.58 3.35 1.94
N VAL A 344 -10.75 4.64 2.15
CA VAL A 344 -10.85 5.22 3.48
C VAL A 344 -12.26 5.15 4.05
N SER A 345 -12.39 4.59 5.25
CA SER A 345 -13.68 4.49 5.92
C SER A 345 -13.87 5.76 6.75
N PRO A 346 -14.95 6.52 6.49
CA PRO A 346 -15.16 7.73 7.28
C PRO A 346 -15.39 7.38 8.75
N ALA A 347 -15.95 6.21 9.01
CA ALA A 347 -16.22 5.74 10.35
C ALA A 347 -14.90 5.40 11.07
N SER A 348 -13.96 4.73 10.40
CA SER A 348 -12.67 4.46 11.05
C SER A 348 -11.89 5.75 11.34
N MSE A 349 -11.95 6.71 10.43
CA MSE A 349 -11.28 8.01 10.63
C MSE A 349 -11.93 8.73 11.78
O MSE A 349 -11.24 9.35 12.59
CB MSE A 349 -11.46 8.97 9.47
CG MSE A 349 -10.50 8.70 8.32
SE MSE A 349 -10.28 10.37 7.30
CE MSE A 349 -12.09 10.43 6.56
N ARG A 350 -13.27 8.69 11.83
CA ARG A 350 -14.05 9.33 12.89
C ARG A 350 -13.63 8.77 14.24
N LYS A 351 -13.65 7.45 14.34
CA LYS A 351 -13.28 6.76 15.57
C LYS A 351 -11.82 7.07 15.93
N PHE A 352 -10.96 7.27 14.93
CA PHE A 352 -9.54 7.57 15.17
C PHE A 352 -9.40 8.99 15.72
N PHE A 353 -10.09 9.94 15.11
CA PHE A 353 -10.04 11.30 15.59
C PHE A 353 -10.56 11.40 17.01
N GLU A 354 -11.70 10.75 17.25
CA GLU A 354 -12.33 10.79 18.53
C GLU A 354 -11.47 10.14 19.63
N ALA A 355 -10.85 9.01 19.33
CA ALA A 355 -10.02 8.34 20.32
C ALA A 355 -8.77 9.15 20.69
N PHE A 356 -8.25 9.95 19.77
CA PHE A 356 -7.01 10.71 20.03
C PHE A 356 -7.13 12.25 20.17
N ALA A 357 -8.33 12.78 19.97
CA ALA A 357 -8.57 14.23 20.10
C ALA A 357 -8.23 14.74 21.51
N PRO A 358 -8.50 13.93 22.55
CA PRO A 358 -8.18 14.38 23.89
C PRO A 358 -6.68 14.60 24.10
N TYR A 359 -5.85 13.99 23.27
CA TYR A 359 -4.41 14.11 23.41
C TYR A 359 -3.83 15.18 22.50
N GLY A 360 -4.69 16.00 21.88
CA GLY A 360 -4.21 17.08 21.01
C GLY A 360 -4.17 16.78 19.51
N LEU A 361 -4.55 15.59 19.10
CA LEU A 361 -4.56 15.29 17.64
C LEU A 361 -5.50 16.24 16.88
N LYS A 362 -4.96 17.00 15.94
CA LYS A 362 -5.76 17.93 15.15
C LYS A 362 -6.56 17.22 14.08
N GLN A 363 -7.71 17.78 13.77
N GLN A 363 -7.72 17.78 13.78
CA GLN A 363 -8.60 17.23 12.76
CA GLN A 363 -8.60 17.21 12.76
C GLN A 363 -7.98 17.33 11.37
C GLN A 363 -7.94 17.29 11.38
N THR A 364 -6.99 18.22 11.22
CA THR A 364 -6.29 18.36 9.98
C THR A 364 -5.10 17.39 9.90
N ALA A 365 -4.89 16.54 10.91
CA ALA A 365 -3.70 15.67 10.89
C ALA A 365 -3.84 14.39 10.12
N VAL A 366 -5.06 13.96 9.79
CA VAL A 366 -5.24 12.75 9.02
C VAL A 366 -5.52 13.16 7.60
N LYS A 367 -4.73 12.63 6.68
CA LYS A 367 -4.78 13.03 5.29
C LYS A 367 -5.01 11.89 4.28
N PRO A 368 -6.26 11.71 3.85
CA PRO A 368 -6.54 10.70 2.85
C PRO A 368 -5.69 11.01 1.60
N SER A 369 -5.13 9.98 0.99
CA SER A 369 -4.19 10.14 -0.09
C SER A 369 -4.26 8.95 -1.01
N TYR A 370 -3.77 9.14 -2.22
CA TYR A 370 -3.78 8.12 -3.24
C TYR A 370 -2.43 8.00 -3.87
N GLY A 371 -2.12 6.77 -4.26
CA GLY A 371 -0.89 6.48 -4.95
C GLY A 371 -0.84 5.03 -5.39
N LEU A 372 0.23 4.67 -6.04
CA LEU A 372 0.43 3.31 -6.51
C LEU A 372 1.89 3.13 -6.91
N ALA A 373 2.32 1.89 -6.97
CA ALA A 373 3.69 1.56 -7.27
C ALA A 373 4.21 2.17 -8.54
N GLU A 374 3.34 2.23 -9.56
CA GLU A 374 3.71 2.73 -10.86
C GLU A 374 4.10 4.22 -10.86
N ALA A 375 3.65 4.94 -9.85
CA ALA A 375 3.92 6.36 -9.70
C ALA A 375 5.00 6.59 -8.61
N THR A 376 5.80 5.57 -8.37
CA THR A 376 6.82 5.55 -7.31
C THR A 376 6.07 5.38 -5.97
N LEU A 377 5.23 6.36 -5.66
CA LEU A 377 4.36 6.27 -4.52
C LEU A 377 3.18 7.23 -4.55
N PHE A 378 3.49 8.50 -4.58
CA PHE A 378 2.49 9.52 -4.39
C PHE A 378 1.93 10.23 -5.61
N VAL A 379 0.59 10.34 -5.62
CA VAL A 379 -0.13 11.03 -6.68
C VAL A 379 -0.88 12.21 -6.07
N SER A 380 -1.65 11.98 -4.99
CA SER A 380 -2.40 13.08 -4.40
C SER A 380 -2.65 12.99 -2.91
N THR A 381 -2.97 14.14 -2.31
CA THR A 381 -3.35 14.18 -0.91
C THR A 381 -4.15 15.41 -0.62
N THR A 382 -4.88 15.38 0.49
N THR A 382 -4.83 15.39 0.52
CA THR A 382 -5.70 16.54 0.86
CA THR A 382 -5.64 16.51 0.96
C THR A 382 -4.80 17.76 1.12
C THR A 382 -4.78 17.76 1.18
N PRO A 383 -5.25 18.96 0.74
CA PRO A 383 -4.43 20.18 1.01
C PRO A 383 -4.08 20.25 2.50
N MSE A 384 -2.90 20.78 2.82
CA MSE A 384 -2.39 20.79 4.22
C MSE A 384 -3.26 21.45 5.25
O MSE A 384 -3.35 20.99 6.38
CB MSE A 384 -0.99 21.44 4.32
CG MSE A 384 0.17 20.44 4.49
SE MSE A 384 -0.21 18.92 5.70
CE MSE A 384 -0.75 17.58 4.37
N ASP A 385 -3.94 22.52 4.86
CA ASP A 385 -4.76 23.24 5.80
C ASP A 385 -6.17 22.68 6.05
N GLU A 386 -6.57 21.62 5.36
CA GLU A 386 -7.97 21.21 5.53
C GLU A 386 -8.25 19.84 6.10
N VAL A 387 -9.48 19.67 6.58
CA VAL A 387 -9.91 18.42 7.17
C VAL A 387 -10.30 17.48 6.01
N PRO A 388 -10.52 16.18 6.30
CA PRO A 388 -10.92 15.27 5.23
C PRO A 388 -12.27 15.65 4.59
N THR A 389 -12.37 15.47 3.28
CA THR A 389 -13.60 15.76 2.56
C THR A 389 -14.32 14.45 2.33
N VAL A 390 -15.52 14.36 2.90
CA VAL A 390 -16.35 13.20 2.85
C VAL A 390 -17.71 13.65 2.34
N ILE A 391 -18.15 13.04 1.26
CA ILE A 391 -19.46 13.32 0.66
C ILE A 391 -20.20 12.02 0.45
N HIS A 392 -21.45 12.10 0.05
CA HIS A 392 -22.25 10.93 -0.20
C HIS A 392 -22.88 11.04 -1.57
N VAL A 393 -22.85 9.94 -2.32
CA VAL A 393 -23.44 9.93 -3.65
C VAL A 393 -24.48 8.82 -3.80
N ASP A 394 -25.40 9.03 -4.73
CA ASP A 394 -26.44 8.07 -5.04
C ASP A 394 -25.79 6.83 -5.61
N ARG A 395 -26.19 5.67 -5.09
CA ARG A 395 -25.65 4.38 -5.51
C ARG A 395 -25.94 4.04 -6.98
N ASP A 396 -27.20 4.15 -7.39
CA ASP A 396 -27.58 3.83 -8.76
C ASP A 396 -26.79 4.64 -9.78
N GLU A 397 -26.56 5.92 -9.47
CA GLU A 397 -25.77 6.78 -10.35
C GLU A 397 -24.31 6.36 -10.31
N LEU A 398 -23.81 6.07 -9.10
CA LEU A 398 -22.41 5.62 -8.94
C LEU A 398 -22.12 4.39 -9.80
N ASN A 399 -22.97 3.37 -9.69
CA ASN A 399 -22.78 2.13 -10.45
C ASN A 399 -22.92 2.35 -11.94
N ASN A 400 -23.48 3.49 -12.30
CA ASN A 400 -23.64 3.85 -13.69
C ASN A 400 -22.56 4.87 -14.07
N GLN A 401 -21.47 4.90 -13.29
CA GLN A 401 -20.31 5.75 -13.54
C GLN A 401 -20.56 7.24 -13.37
N ARG A 402 -21.42 7.64 -12.42
CA ARG A 402 -21.62 9.05 -12.18
C ARG A 402 -21.76 9.41 -10.71
N PHE A 403 -21.13 10.52 -10.34
CA PHE A 403 -21.23 11.07 -9.02
C PHE A 403 -22.37 12.07 -8.95
N VAL A 404 -23.40 11.71 -8.20
CA VAL A 404 -24.51 12.57 -7.93
C VAL A 404 -24.57 12.66 -6.41
N GLU A 405 -24.25 13.82 -5.86
CA GLU A 405 -24.23 13.99 -4.42
C GLU A 405 -25.62 13.85 -3.79
N VAL A 406 -25.68 13.29 -2.59
CA VAL A 406 -26.95 13.17 -1.84
C VAL A 406 -26.62 13.35 -0.36
N ALA A 407 -27.62 13.67 0.46
CA ALA A 407 -27.40 13.86 1.89
C ALA A 407 -26.94 12.56 2.60
N ALA A 408 -26.25 12.72 3.72
CA ALA A 408 -25.71 11.60 4.49
C ALA A 408 -26.77 10.58 4.94
N ASP A 409 -27.92 11.08 5.37
CA ASP A 409 -29.00 10.20 5.84
C ASP A 409 -29.92 9.75 4.71
N ALA A 410 -29.62 10.14 3.48
CA ALA A 410 -30.46 9.74 2.35
C ALA A 410 -30.34 8.24 2.11
N PRO A 411 -31.47 7.57 1.85
CA PRO A 411 -31.39 6.13 1.56
C PRO A 411 -30.58 5.85 0.30
N ASN A 412 -29.98 4.68 0.21
N ASN A 412 -29.98 4.67 0.25
CA ASN A 412 -29.24 4.29 -0.99
CA ASN A 412 -29.17 4.25 -0.90
C ASN A 412 -28.07 5.24 -1.27
C ASN A 412 -28.07 5.24 -1.25
N ALA A 413 -27.42 5.75 -0.20
CA ALA A 413 -26.33 6.69 -0.33
C ALA A 413 -25.03 5.96 -0.10
N VAL A 414 -23.98 6.35 -0.82
CA VAL A 414 -22.66 5.72 -0.69
C VAL A 414 -21.63 6.76 -0.28
N ALA A 415 -20.95 6.49 0.81
CA ALA A 415 -19.92 7.37 1.30
C ALA A 415 -18.71 7.36 0.37
N GLN A 416 -18.12 8.53 0.14
CA GLN A 416 -16.93 8.69 -0.73
C GLN A 416 -16.02 9.68 -0.05
N VAL A 417 -14.76 9.26 0.18
CA VAL A 417 -13.75 10.11 0.81
C VAL A 417 -12.77 10.62 -0.27
N SER A 418 -12.57 11.94 -0.31
CA SER A 418 -11.63 12.55 -1.25
C SER A 418 -10.18 12.15 -0.99
N ALA A 419 -9.44 12.05 -2.09
CA ALA A 419 -8.03 11.76 -2.05
C ALA A 419 -7.27 13.07 -2.28
N GLY A 420 -7.99 14.18 -2.34
CA GLY A 420 -7.36 15.52 -2.42
C GLY A 420 -6.88 16.04 -3.78
N LYS A 421 -5.77 16.77 -3.77
CA LYS A 421 -5.21 17.40 -4.96
C LYS A 421 -3.93 16.73 -5.43
N VAL A 422 -3.78 16.70 -6.74
CA VAL A 422 -2.65 16.04 -7.38
C VAL A 422 -1.36 16.77 -7.09
N GLY A 423 -0.28 16.01 -6.91
CA GLY A 423 1.02 16.61 -6.62
C GLY A 423 1.53 17.49 -7.75
N VAL A 424 2.49 18.36 -7.45
CA VAL A 424 3.05 19.26 -8.48
C VAL A 424 3.84 18.49 -9.56
N SER A 425 3.85 19.01 -10.79
CA SER A 425 4.57 18.39 -11.90
C SER A 425 4.13 16.96 -12.13
N GLU A 426 2.86 16.75 -11.88
CA GLU A 426 2.25 15.47 -12.05
C GLU A 426 0.82 15.73 -12.47
N TRP A 427 0.29 14.90 -13.37
CA TRP A 427 -1.09 15.03 -13.82
C TRP A 427 -1.90 13.73 -13.69
N ALA A 428 -3.17 13.87 -13.34
CA ALA A 428 -4.09 12.76 -13.23
C ALA A 428 -5.39 13.15 -13.96
N VAL A 429 -5.74 12.39 -15.00
CA VAL A 429 -6.93 12.62 -15.79
C VAL A 429 -7.88 11.42 -15.78
N ILE A 430 -9.16 11.67 -15.98
CA ILE A 430 -10.18 10.63 -15.99
C ILE A 430 -10.43 10.28 -17.45
N VAL A 431 -10.31 9.00 -17.81
CA VAL A 431 -10.39 8.60 -19.22
C VAL A 431 -11.30 7.42 -19.56
N ASP A 432 -11.95 7.52 -20.73
CA ASP A 432 -12.75 6.42 -21.28
C ASP A 432 -11.69 5.70 -22.09
N ALA A 433 -11.23 4.58 -21.56
CA ALA A 433 -10.15 3.80 -22.16
C ALA A 433 -10.43 3.41 -23.58
N ASP A 434 -11.66 2.98 -23.85
CA ASP A 434 -12.04 2.57 -25.20
C ASP A 434 -11.51 3.56 -26.24
N THR A 435 -11.90 4.83 -26.12
CA THR A 435 -11.50 5.86 -27.09
C THR A 435 -10.35 6.75 -26.65
N ALA A 436 -9.80 6.51 -25.46
CA ALA A 436 -8.70 7.30 -24.93
C ALA A 436 -9.10 8.77 -24.83
N SER A 437 -10.30 9.01 -24.34
CA SER A 437 -10.84 10.37 -24.25
C SER A 437 -11.13 10.80 -22.84
N GLU A 438 -10.76 12.04 -22.52
CA GLU A 438 -10.97 12.57 -21.18
C GLU A 438 -12.46 12.73 -20.91
N LEU A 439 -12.85 12.53 -19.66
CA LEU A 439 -14.24 12.64 -19.27
C LEU A 439 -14.46 13.87 -18.39
N PRO A 440 -15.68 14.43 -18.44
CA PRO A 440 -15.93 15.59 -17.62
C PRO A 440 -16.01 15.25 -16.14
N ASP A 441 -15.98 16.30 -15.33
CA ASP A 441 -16.06 16.16 -13.90
C ASP A 441 -17.39 15.53 -13.47
N GLY A 442 -17.31 14.58 -12.53
CA GLY A 442 -18.50 13.84 -12.08
C GLY A 442 -18.64 12.51 -12.81
N GLN A 443 -18.00 12.39 -13.97
CA GLN A 443 -18.02 11.13 -14.73
C GLN A 443 -16.85 10.27 -14.34
N ILE A 444 -17.16 9.02 -14.04
CA ILE A 444 -16.17 8.05 -13.63
C ILE A 444 -15.57 7.34 -14.83
N GLY A 445 -14.25 7.33 -14.88
CA GLY A 445 -13.49 6.69 -15.95
C GLY A 445 -12.22 6.16 -15.29
N GLU A 446 -11.33 5.59 -16.09
CA GLU A 446 -10.07 5.11 -15.55
C GLU A 446 -9.16 6.29 -15.30
N ILE A 447 -8.38 6.19 -14.24
CA ILE A 447 -7.42 7.23 -13.93
C ILE A 447 -6.12 6.96 -14.69
N TRP A 448 -5.70 7.92 -15.53
CA TRP A 448 -4.45 7.85 -16.29
C TRP A 448 -3.50 8.90 -15.70
N LEU A 449 -2.21 8.59 -15.59
CA LEU A 449 -1.23 9.49 -14.99
C LEU A 449 -0.05 9.79 -15.88
N HIS A 450 0.50 10.99 -15.71
CA HIS A 450 1.69 11.41 -16.43
C HIS A 450 2.53 12.23 -15.46
N GLY A 451 3.84 12.03 -15.50
CA GLY A 451 4.77 12.74 -14.62
C GLY A 451 6.10 12.06 -14.53
N ASN A 452 7.12 12.78 -14.06
CA ASN A 452 8.45 12.22 -13.97
C ASN A 452 8.62 11.18 -12.87
N ASN A 453 7.63 11.08 -11.98
CA ASN A 453 7.62 10.08 -10.92
C ASN A 453 7.08 8.72 -11.39
N LEU A 454 6.49 8.71 -12.57
CA LEU A 454 5.95 7.49 -13.15
C LEU A 454 7.02 6.54 -13.66
N GLY A 455 6.99 5.31 -13.16
CA GLY A 455 7.94 4.28 -13.58
C GLY A 455 7.97 4.09 -15.08
N THR A 456 8.98 3.38 -15.54
CA THR A 456 9.20 3.19 -16.96
C THR A 456 8.67 1.91 -17.56
N GLY A 457 8.34 0.93 -16.73
CA GLY A 457 7.79 -0.32 -17.24
C GLY A 457 7.77 -1.42 -16.21
N TYR A 458 7.52 -2.63 -16.71
CA TYR A 458 7.52 -3.83 -15.89
C TYR A 458 8.69 -4.69 -16.37
N TRP A 459 9.59 -5.02 -15.47
CA TRP A 459 10.77 -5.83 -15.78
C TRP A 459 10.48 -7.04 -16.67
N GLY A 460 11.18 -7.09 -17.80
CA GLY A 460 11.07 -8.20 -18.73
C GLY A 460 9.72 -8.37 -19.40
N LYS A 461 8.86 -7.36 -19.33
CA LYS A 461 7.54 -7.42 -19.95
C LYS A 461 7.36 -6.27 -20.94
N GLU A 462 7.86 -6.49 -22.15
CA GLU A 462 7.81 -5.49 -23.20
C GLU A 462 6.39 -5.05 -23.60
N GLU A 463 5.50 -6.01 -23.85
CA GLU A 463 4.17 -5.71 -24.35
C GLU A 463 3.25 -5.16 -23.29
N GLU A 464 3.27 -5.75 -22.10
CA GLU A 464 2.43 -5.24 -21.03
C GLU A 464 2.93 -3.86 -20.60
N SER A 465 4.24 -3.63 -20.70
CA SER A 465 4.80 -2.30 -20.38
C SER A 465 4.26 -1.29 -21.38
N ALA A 466 4.24 -1.64 -22.65
CA ALA A 466 3.73 -0.74 -23.68
C ALA A 466 2.26 -0.41 -23.45
N GLN A 467 1.46 -1.42 -23.14
CA GLN A 467 0.03 -1.24 -22.92
C GLN A 467 -0.24 -0.38 -21.67
N THR A 468 0.54 -0.61 -20.62
CA THR A 468 0.32 0.14 -19.39
C THR A 468 0.93 1.55 -19.36
N PHE A 469 2.16 1.69 -19.83
CA PHE A 469 2.86 2.97 -19.72
C PHE A 469 2.94 3.92 -20.90
N LYS A 470 2.64 3.44 -22.11
CA LYS A 470 2.79 4.28 -23.31
C LYS A 470 1.46 4.50 -24.01
N ASN A 471 0.61 5.30 -23.39
CA ASN A 471 -0.72 5.58 -23.92
C ASN A 471 -0.88 7.04 -24.33
N ILE A 472 -1.54 7.27 -25.46
CA ILE A 472 -1.78 8.62 -25.98
C ILE A 472 -3.16 9.11 -25.54
N LEU A 473 -3.20 10.27 -24.87
CA LEU A 473 -4.49 10.88 -24.54
C LEU A 473 -4.96 11.52 -25.85
N LYS A 474 -5.98 10.95 -26.49
CA LYS A 474 -6.46 11.42 -27.80
C LYS A 474 -7.41 12.62 -27.76
N SER A 475 -8.30 12.64 -26.78
CA SER A 475 -9.26 13.72 -26.65
C SER A 475 -9.27 14.29 -25.25
N ARG A 476 -9.35 15.63 -25.18
CA ARG A 476 -9.41 16.36 -23.94
C ARG A 476 -10.69 17.16 -23.87
N ILE A 477 -11.13 17.44 -22.65
CA ILE A 477 -12.28 18.30 -22.46
C ILE A 477 -11.66 19.69 -22.40
N SER A 478 -12.37 20.75 -22.76
CA SER A 478 -11.76 22.08 -22.66
C SER A 478 -11.64 22.27 -21.13
N GLU A 479 -10.53 22.85 -20.69
CA GLU A 479 -10.26 22.99 -19.25
C GLU A 479 -10.00 21.56 -18.75
N SER A 480 -8.97 20.97 -19.35
CA SER A 480 -8.56 19.62 -19.06
C SER A 480 -7.71 19.55 -17.79
N ARG A 481 -7.66 18.37 -17.18
CA ARG A 481 -6.82 18.13 -16.01
C ARG A 481 -5.42 17.81 -16.53
N ALA A 482 -5.28 17.72 -17.86
CA ALA A 482 -4.00 17.47 -18.49
C ALA A 482 -3.30 18.81 -18.81
N GLU A 483 -3.94 19.93 -18.45
CA GLU A 483 -3.35 21.27 -18.66
C GLU A 483 -1.92 21.26 -18.18
N GLY A 484 -0.99 21.58 -19.06
CA GLY A 484 0.43 21.59 -18.70
C GLY A 484 1.20 20.40 -19.23
N ALA A 485 0.52 19.28 -19.48
CA ALA A 485 1.20 18.10 -20.03
C ALA A 485 1.33 18.30 -21.55
N PRO A 486 2.43 17.84 -22.14
CA PRO A 486 2.54 17.99 -23.60
C PRO A 486 1.49 17.15 -24.30
N ASP A 487 0.96 17.65 -25.41
CA ASP A 487 -0.06 16.94 -26.18
C ASP A 487 0.35 15.48 -26.46
N ASP A 488 1.63 15.27 -26.74
N ASP A 488 1.64 15.23 -26.71
CA ASP A 488 2.16 13.93 -27.02
CA ASP A 488 2.15 13.87 -26.90
C ASP A 488 2.74 13.28 -25.75
C ASP A 488 2.86 13.48 -25.60
N ALA A 489 2.26 13.71 -24.57
N ALA A 489 2.23 12.69 -24.76
CA ALA A 489 2.73 13.16 -23.30
CA ALA A 489 2.83 12.37 -23.44
C ALA A 489 2.22 11.76 -23.17
C ALA A 489 3.16 10.91 -23.11
N LEU A 490 3.04 10.88 -22.61
N LEU A 490 2.26 9.97 -23.36
CA LEU A 490 2.66 9.48 -22.43
CA LEU A 490 2.48 8.60 -22.96
C LEU A 490 1.92 9.29 -21.12
C LEU A 490 2.02 8.50 -21.50
N TRP A 491 0.83 8.52 -21.17
N TRP A 491 0.72 8.33 -21.33
CA TRP A 491 0.04 8.27 -19.98
CA TRP A 491 0.11 8.23 -20.02
C TRP A 491 0.12 6.84 -19.51
C TRP A 491 0.15 6.81 -19.50
N VAL A 492 0.12 6.67 -18.19
CA VAL A 492 0.17 5.39 -17.52
C VAL A 492 -1.23 5.04 -17.03
N ARG A 493 -1.70 3.85 -17.40
CA ARG A 493 -3.01 3.36 -17.00
C ARG A 493 -2.93 2.76 -15.60
N THR A 494 -3.67 3.32 -14.65
CA THR A 494 -3.61 2.88 -13.26
C THR A 494 -4.43 1.64 -12.92
N GLY A 495 -5.49 1.36 -13.71
CA GLY A 495 -6.37 0.24 -13.39
C GLY A 495 -7.42 0.63 -12.35
N ASP A 496 -7.43 1.92 -11.96
CA ASP A 496 -8.38 2.44 -10.99
C ASP A 496 -9.48 3.30 -11.64
N TYR A 497 -10.72 3.20 -11.14
CA TYR A 497 -11.78 4.08 -11.61
C TYR A 497 -11.78 5.28 -10.67
N GLY A 498 -12.16 6.44 -11.18
CA GLY A 498 -12.18 7.63 -10.34
C GLY A 498 -12.83 8.78 -11.02
N THR A 499 -12.97 9.89 -10.29
CA THR A 499 -13.57 11.11 -10.85
C THR A 499 -13.14 12.36 -10.08
N TYR A 500 -13.31 13.52 -10.70
CA TYR A 500 -13.09 14.78 -10.02
C TYR A 500 -14.46 15.31 -9.62
N PHE A 501 -14.56 15.86 -8.42
CA PHE A 501 -15.81 16.41 -7.93
C PHE A 501 -15.45 17.58 -7.04
N LYS A 502 -15.95 18.76 -7.40
CA LYS A 502 -15.65 19.98 -6.67
C LYS A 502 -14.15 20.11 -6.46
N ASP A 503 -13.42 19.86 -7.55
CA ASP A 503 -11.97 19.93 -7.64
C ASP A 503 -11.13 18.92 -6.85
N HIS A 504 -11.78 17.91 -6.27
CA HIS A 504 -11.08 16.86 -5.54
C HIS A 504 -11.10 15.56 -6.34
N LEU A 505 -10.00 14.80 -6.28
CA LEU A 505 -9.90 13.51 -6.97
C LEU A 505 -10.47 12.43 -6.07
N TYR A 506 -11.35 11.60 -6.61
CA TYR A 506 -11.95 10.52 -5.86
C TYR A 506 -11.58 9.23 -6.50
N ILE A 507 -11.22 8.25 -5.67
CA ILE A 507 -10.87 6.94 -6.17
C ILE A 507 -12.10 6.06 -5.95
N ALA A 508 -12.76 5.67 -7.02
CA ALA A 508 -13.96 4.88 -6.91
C ALA A 508 -13.68 3.43 -6.54
N GLY A 509 -12.61 2.89 -7.11
CA GLY A 509 -12.24 1.51 -6.82
C GLY A 509 -11.41 0.92 -7.93
N ARG A 510 -10.93 -0.29 -7.69
CA ARG A 510 -10.05 -0.94 -8.63
C ARG A 510 -10.92 -1.69 -9.67
N ILE A 511 -10.69 -1.37 -10.94
CA ILE A 511 -11.43 -1.95 -12.06
C ILE A 511 -11.56 -3.46 -12.00
N LYS A 512 -10.45 -4.16 -11.79
CA LYS A 512 -10.47 -5.64 -11.76
C LYS A 512 -11.26 -6.23 -10.58
N ASP A 513 -11.44 -5.45 -9.51
CA ASP A 513 -12.21 -5.88 -8.34
C ASP A 513 -13.72 -5.64 -8.47
N LEU A 514 -14.18 -4.98 -9.53
CA LEU A 514 -15.63 -4.76 -9.70
C LEU A 514 -16.39 -6.07 -9.74
N VAL A 515 -17.60 -6.04 -9.20
CA VAL A 515 -18.45 -7.20 -9.20
C VAL A 515 -19.52 -6.90 -10.24
N ILE A 516 -19.36 -7.50 -11.42
CA ILE A 516 -20.27 -7.29 -12.54
C ILE A 516 -21.29 -8.41 -12.59
N ILE A 517 -22.56 -8.07 -12.33
CA ILE A 517 -23.62 -9.08 -12.33
C ILE A 517 -24.84 -8.61 -13.11
N ASP A 518 -25.30 -9.47 -14.02
CA ASP A 518 -26.44 -9.18 -14.85
C ASP A 518 -26.20 -7.87 -15.58
N GLY A 519 -25.02 -7.75 -16.17
CA GLY A 519 -24.61 -6.56 -16.92
C GLY A 519 -24.55 -5.26 -16.14
N ARG A 520 -24.32 -5.32 -14.82
CA ARG A 520 -24.25 -4.10 -14.01
C ARG A 520 -23.08 -4.18 -13.01
N ASN A 521 -22.42 -3.04 -12.83
CA ASN A 521 -21.27 -2.94 -11.93
C ASN A 521 -21.64 -2.68 -10.49
N HIS A 522 -20.80 -3.18 -9.59
CA HIS A 522 -20.95 -3.00 -8.15
C HIS A 522 -19.57 -2.89 -7.58
N TYR A 523 -19.36 -1.91 -6.72
CA TYR A 523 -18.08 -1.76 -6.07
C TYR A 523 -18.12 -2.69 -4.87
N PRO A 524 -17.10 -3.57 -4.75
CA PRO A 524 -17.04 -4.53 -3.65
C PRO A 524 -16.99 -3.87 -2.28
N GLN A 525 -16.28 -2.75 -2.14
CA GLN A 525 -16.24 -2.11 -0.83
C GLN A 525 -17.65 -1.60 -0.41
N ASP A 526 -18.47 -1.25 -1.39
CA ASP A 526 -19.82 -0.74 -1.14
C ASP A 526 -20.70 -1.88 -0.61
N LEU A 527 -20.59 -3.04 -1.24
CA LEU A 527 -21.33 -4.20 -0.83
C LEU A 527 -20.88 -4.65 0.56
N GLU A 528 -19.58 -4.54 0.80
CA GLU A 528 -19.02 -4.95 2.08
C GLU A 528 -19.51 -4.01 3.17
N CME A 529 -19.58 -2.73 2.88
CA CME A 529 -20.04 -1.77 3.86
CB CME A 529 -19.89 -0.37 3.27
SG CME A 529 -20.50 0.82 4.39
SD CME A 529 -19.08 0.69 5.82
CE CME A 529 -17.84 1.78 5.19
CZ CME A 529 -18.32 3.24 5.16
OH CME A 529 -18.09 3.82 3.87
C CME A 529 -21.45 -2.10 4.26
O CME A 529 -21.75 -2.14 5.43
N THR A 530 -22.31 -2.38 3.28
CA THR A 530 -23.70 -2.73 3.57
C THR A 530 -23.81 -4.01 4.38
N ALA A 531 -23.05 -5.04 4.00
CA ALA A 531 -23.07 -6.28 4.77
C ALA A 531 -22.74 -5.99 6.26
N GLN A 532 -21.63 -5.30 6.46
N GLN A 532 -21.62 -5.31 6.48
CA GLN A 532 -21.13 -4.94 7.81
CA GLN A 532 -21.16 -4.96 7.82
C GLN A 532 -22.15 -4.15 8.62
C GLN A 532 -22.16 -4.16 8.63
N GLU A 533 -22.71 -3.12 8.01
CA GLU A 533 -23.67 -2.25 8.68
C GLU A 533 -24.97 -2.95 9.11
N SER A 534 -25.31 -4.06 8.48
CA SER A 534 -26.56 -4.77 8.80
C SER A 534 -26.52 -5.70 10.00
N THR A 535 -25.33 -6.14 10.40
N THR A 535 -25.32 -6.10 10.41
CA THR A 535 -25.21 -7.09 11.50
CA THR A 535 -25.17 -7.02 11.51
C THR A 535 -23.92 -6.98 12.31
C THR A 535 -24.01 -6.67 12.44
N LYS A 536 -24.06 -7.11 13.63
N LYS A 536 -24.04 -7.26 13.63
CA LYS A 536 -22.94 -7.05 14.57
CA LYS A 536 -22.99 -7.08 14.62
C LYS A 536 -22.03 -8.27 14.49
C LYS A 536 -22.07 -8.29 14.57
N ALA A 537 -22.55 -9.37 13.95
CA ALA A 537 -21.80 -10.61 13.83
C ALA A 537 -20.56 -10.55 12.93
N LEU A 538 -20.37 -9.45 12.20
CA LEU A 538 -19.17 -9.27 11.37
C LEU A 538 -18.27 -8.23 11.97
N ARG A 539 -16.97 -8.50 11.96
CA ARG A 539 -15.99 -7.53 12.49
C ARG A 539 -15.65 -6.55 11.38
N VAL A 540 -15.52 -5.29 11.80
CA VAL A 540 -15.29 -4.16 10.93
C VAL A 540 -14.00 -4.25 10.09
N GLY A 541 -14.16 -4.09 8.78
CA GLY A 541 -13.04 -4.11 7.84
C GLY A 541 -12.62 -5.48 7.36
N TYR A 542 -13.35 -6.53 7.76
CA TYR A 542 -13.01 -7.89 7.36
C TYR A 542 -14.18 -8.57 6.65
N ALA A 543 -14.35 -8.18 5.39
CA ALA A 543 -15.37 -8.75 4.53
C ALA A 543 -14.84 -8.71 3.11
N ALA A 544 -15.32 -9.61 2.27
CA ALA A 544 -14.88 -9.64 0.90
C ALA A 544 -16.08 -9.97 0.02
N ALA A 545 -16.29 -9.18 -1.02
CA ALA A 545 -17.38 -9.39 -1.94
C ALA A 545 -16.80 -9.66 -3.29
N PHE A 546 -17.20 -10.79 -3.89
CA PHE A 546 -16.72 -11.18 -5.21
C PHE A 546 -17.77 -11.98 -5.98
N SER A 547 -17.62 -12.03 -7.31
CA SER A 547 -18.56 -12.79 -8.17
C SER A 547 -17.95 -14.09 -8.61
N VAL A 548 -18.81 -15.08 -8.80
CA VAL A 548 -18.40 -16.42 -9.19
C VAL A 548 -19.45 -17.01 -10.13
N PRO A 549 -19.02 -17.78 -11.15
CA PRO A 549 -20.02 -18.42 -12.01
C PRO A 549 -20.93 -19.35 -11.21
N ALA A 550 -22.25 -19.22 -11.42
CA ALA A 550 -23.25 -20.04 -10.71
C ALA A 550 -22.89 -21.54 -10.68
N ASN A 551 -22.05 -21.99 -11.62
CA ASN A 551 -21.59 -23.37 -11.70
C ASN A 551 -20.95 -23.92 -10.43
N GLN A 552 -20.03 -23.15 -9.88
CA GLN A 552 -19.20 -23.60 -8.76
C GLN A 552 -19.69 -23.37 -7.34
N LEU A 553 -20.72 -22.56 -7.14
CA LEU A 553 -21.16 -22.30 -5.75
C LEU A 553 -21.62 -23.61 -5.08
N PRO A 554 -21.50 -23.71 -3.74
CA PRO A 554 -21.84 -24.96 -3.06
C PRO A 554 -23.30 -25.43 -3.17
N GLN A 555 -23.51 -26.70 -2.86
CA GLN A 555 -24.82 -27.31 -2.94
C GLN A 555 -25.72 -26.72 -1.85
N THR A 556 -25.13 -26.44 -0.69
CA THR A 556 -25.86 -25.88 0.47
C THR A 556 -26.72 -24.65 0.15
N VAL A 557 -26.34 -23.91 -0.88
CA VAL A 557 -27.05 -22.72 -1.32
C VAL A 557 -28.41 -23.06 -1.96
N PHE A 558 -28.43 -24.14 -2.73
CA PHE A 558 -29.65 -24.56 -3.41
C PHE A 558 -30.67 -25.14 -2.43
N ASP A 559 -30.20 -25.57 -1.26
CA ASP A 559 -31.08 -26.06 -0.20
C ASP A 559 -31.30 -24.90 0.76
N ASP A 560 -31.99 -23.87 0.26
CA ASP A 560 -32.26 -22.67 1.04
C ASP A 560 -33.29 -21.82 0.30
N SER A 561 -34.45 -21.61 0.92
CA SER A 561 -35.51 -20.78 0.34
C SER A 561 -34.98 -19.38 0.03
N HIS A 562 -34.09 -18.88 0.89
CA HIS A 562 -33.47 -17.57 0.69
C HIS A 562 -32.27 -17.76 -0.23
N ALA A 563 -32.55 -17.99 -1.52
CA ALA A 563 -31.49 -18.23 -2.51
C ALA A 563 -31.81 -17.54 -3.83
N GLY A 564 -32.95 -17.91 -4.42
CA GLY A 564 -33.41 -17.33 -5.69
C GLY A 564 -33.24 -18.29 -6.86
N LEU A 565 -31.99 -18.59 -7.19
CA LEU A 565 -31.67 -19.47 -8.30
C LEU A 565 -31.62 -20.92 -7.84
N LYS A 566 -31.65 -21.83 -8.82
CA LYS A 566 -31.65 -23.26 -8.55
C LYS A 566 -30.64 -24.01 -9.44
N PHE A 567 -30.41 -25.27 -9.07
CA PHE A 567 -29.49 -26.18 -9.76
C PHE A 567 -29.48 -26.01 -11.30
N ASP A 568 -28.30 -25.80 -11.89
CA ASP A 568 -28.19 -25.66 -13.36
C ASP A 568 -26.72 -25.67 -13.83
N PRO A 569 -26.20 -26.86 -14.21
CA PRO A 569 -24.79 -26.97 -14.64
C PRO A 569 -24.36 -26.15 -15.87
N GLU A 570 -25.30 -25.72 -16.70
N GLU A 570 -25.31 -25.73 -16.70
CA GLU A 570 -24.97 -24.93 -17.88
CA GLU A 570 -25.00 -24.93 -17.89
C GLU A 570 -24.69 -23.47 -17.51
C GLU A 570 -24.71 -23.47 -17.53
N ASP A 571 -25.57 -22.90 -16.69
CA ASP A 571 -25.48 -21.49 -16.25
C ASP A 571 -24.11 -21.02 -15.74
N THR A 572 -23.47 -20.12 -16.49
CA THR A 572 -22.15 -19.57 -16.15
C THR A 572 -22.24 -18.12 -15.66
N SER A 573 -23.45 -17.65 -15.40
CA SER A 573 -23.67 -16.26 -15.00
C SER A 573 -22.96 -15.91 -13.66
N GLU A 574 -22.49 -14.67 -13.56
CA GLU A 574 -21.78 -14.22 -12.34
C GLU A 574 -22.76 -14.02 -11.20
N GLN A 575 -22.48 -14.65 -10.07
CA GLN A 575 -23.35 -14.53 -8.89
C GLN A 575 -22.56 -14.01 -7.67
N LEU A 576 -23.22 -13.16 -6.88
CA LEU A 576 -22.60 -12.53 -5.72
C LEU A 576 -22.39 -13.45 -4.52
N VAL A 577 -21.16 -13.44 -4.01
CA VAL A 577 -20.81 -14.18 -2.81
C VAL A 577 -20.12 -13.20 -1.87
N ILE A 578 -20.46 -13.29 -0.59
CA ILE A 578 -19.88 -12.45 0.43
C ILE A 578 -19.25 -13.26 1.55
N VAL A 579 -17.97 -13.01 1.80
CA VAL A 579 -17.24 -13.68 2.86
C VAL A 579 -16.94 -12.63 3.93
N GLY A 580 -17.24 -12.93 5.18
CA GLY A 580 -17.00 -11.97 6.27
C GLY A 580 -16.55 -12.62 7.57
N GLU A 581 -15.38 -12.22 8.08
CA GLU A 581 -14.91 -12.81 9.32
C GLU A 581 -15.92 -12.60 10.42
N ARG A 582 -16.02 -13.60 11.27
CA ARG A 582 -16.90 -13.59 12.39
C ARG A 582 -16.37 -12.59 13.41
N ALA A 583 -17.24 -11.77 13.97
CA ALA A 583 -16.82 -10.82 14.97
C ALA A 583 -16.05 -11.55 16.05
N ALA A 584 -15.09 -10.85 16.68
CA ALA A 584 -14.31 -11.44 17.75
C ALA A 584 -15.22 -12.11 18.80
N GLY A 585 -14.73 -13.19 19.41
CA GLY A 585 -15.47 -13.90 20.42
C GLY A 585 -16.61 -14.77 19.90
N THR A 586 -16.60 -15.09 18.60
CA THR A 586 -17.65 -15.96 18.05
C THR A 586 -17.31 -17.44 18.19
N HIS A 587 -18.15 -18.15 18.94
CA HIS A 587 -18.00 -19.60 19.14
C HIS A 587 -19.18 -20.45 18.64
N LYS A 588 -20.31 -19.82 18.31
CA LYS A 588 -21.50 -20.55 17.84
C LYS A 588 -21.85 -20.25 16.37
N LEU A 589 -22.65 -21.13 15.77
CA LEU A 589 -23.08 -20.99 14.38
C LEU A 589 -24.60 -20.79 14.26
N ASP A 590 -25.02 -19.53 14.13
CA ASP A 590 -26.42 -19.16 13.95
C ASP A 590 -26.48 -18.34 12.67
N HIS A 591 -26.22 -19.05 11.57
CA HIS A 591 -26.13 -18.45 10.23
C HIS A 591 -27.31 -17.60 9.74
N GLN A 592 -28.47 -18.23 9.57
CA GLN A 592 -29.65 -17.53 9.03
C GLN A 592 -29.94 -16.11 9.53
N PRO A 593 -30.19 -15.92 10.85
CA PRO A 593 -30.53 -14.57 11.33
C PRO A 593 -29.57 -13.47 10.86
N ILE A 594 -28.28 -13.81 10.76
CA ILE A 594 -27.24 -12.89 10.31
C ILE A 594 -27.30 -12.76 8.78
N VAL A 595 -27.24 -13.92 8.12
CA VAL A 595 -27.29 -14.01 6.66
C VAL A 595 -28.55 -13.33 6.07
N ASP A 596 -29.71 -13.61 6.65
CA ASP A 596 -30.95 -13.00 6.19
C ASP A 596 -30.84 -11.48 6.26
N ASP A 597 -30.25 -10.96 7.33
CA ASP A 597 -30.06 -9.51 7.45
C ASP A 597 -29.12 -8.98 6.37
N ILE A 598 -28.12 -9.77 6.03
CA ILE A 598 -27.15 -9.38 5.00
C ILE A 598 -27.75 -9.44 3.61
N ARG A 599 -28.44 -10.52 3.32
CA ARG A 599 -29.05 -10.69 2.01
C ARG A 599 -30.13 -9.64 1.79
N ALA A 600 -30.95 -9.41 2.83
CA ALA A 600 -32.03 -8.43 2.76
C ALA A 600 -31.49 -7.02 2.65
N ALA A 601 -30.44 -6.73 3.41
CA ALA A 601 -29.80 -5.42 3.35
C ALA A 601 -29.24 -5.13 1.96
N ILE A 602 -28.70 -6.15 1.32
CA ILE A 602 -28.12 -5.98 -0.01
C ILE A 602 -29.14 -6.04 -1.12
N ALA A 603 -30.19 -6.85 -0.95
CA ALA A 603 -31.22 -6.94 -1.98
C ALA A 603 -31.87 -5.56 -2.11
N VAL A 604 -32.32 -5.04 -0.98
CA VAL A 604 -32.98 -3.74 -0.90
C VAL A 604 -32.12 -2.61 -1.50
N GLY A 605 -30.91 -2.45 -0.99
CA GLY A 605 -30.02 -1.36 -1.43
C GLY A 605 -29.18 -1.54 -2.69
N HIS A 606 -28.94 -2.76 -3.13
CA HIS A 606 -28.10 -2.97 -4.30
C HIS A 606 -28.77 -3.60 -5.50
N GLY A 607 -29.93 -4.23 -5.30
CA GLY A 607 -30.62 -4.87 -6.40
C GLY A 607 -29.91 -6.12 -6.86
N VAL A 608 -29.33 -6.84 -5.90
CA VAL A 608 -28.66 -8.12 -6.18
C VAL A 608 -28.87 -9.06 -5.02
N THR A 609 -28.93 -10.34 -5.33
CA THR A 609 -29.16 -11.34 -4.32
C THR A 609 -27.86 -12.01 -4.00
N VAL A 610 -27.45 -11.92 -2.73
CA VAL A 610 -26.26 -12.59 -2.26
C VAL A 610 -26.67 -14.06 -2.26
N ARG A 611 -25.83 -14.89 -2.87
N ARG A 611 -25.96 -14.91 -2.98
CA ARG A 611 -26.08 -16.33 -2.97
CA ARG A 611 -26.38 -16.32 -3.03
C ARG A 611 -25.51 -17.11 -1.77
C ARG A 611 -26.19 -17.01 -1.67
N ASP A 612 -24.21 -16.97 -1.50
N ASP A 612 -25.15 -16.59 -0.95
CA ASP A 612 -23.60 -17.66 -0.38
CA ASP A 612 -24.86 -17.10 0.39
C ASP A 612 -22.89 -16.65 0.53
C ASP A 612 -23.74 -16.31 1.07
N VAL A 613 -23.32 -16.61 1.79
N VAL A 613 -23.78 -16.25 2.40
CA VAL A 613 -22.77 -15.75 2.82
CA VAL A 613 -22.77 -15.53 3.15
C VAL A 613 -21.90 -16.64 3.70
C VAL A 613 -21.87 -16.54 3.87
N LEU A 614 -20.58 -16.56 3.52
CA LEU A 614 -19.65 -17.42 4.24
C LEU A 614 -18.86 -16.67 5.32
N LEU A 615 -19.17 -16.99 6.58
CA LEU A 615 -18.50 -16.35 7.71
C LEU A 615 -17.44 -17.30 8.30
N VAL A 616 -16.22 -16.80 8.45
CA VAL A 616 -15.09 -17.62 8.90
C VAL A 616 -14.35 -17.15 10.16
N SER A 617 -13.39 -17.95 10.61
CA SER A 617 -12.61 -17.69 11.82
C SER A 617 -11.87 -16.34 11.80
N ALA A 618 -11.96 -15.60 12.91
CA ALA A 618 -11.31 -14.31 13.07
C ALA A 618 -9.84 -14.43 12.70
N GLY A 619 -9.39 -13.56 11.81
CA GLY A 619 -8.00 -13.57 11.32
C GLY A 619 -7.72 -14.56 10.20
N THR A 620 -8.76 -15.12 9.57
CA THR A 620 -8.58 -16.11 8.49
C THR A 620 -8.63 -15.54 7.06
N ILE A 621 -9.57 -14.64 6.77
CA ILE A 621 -9.65 -14.03 5.42
C ILE A 621 -8.25 -13.64 4.94
N PRO A 622 -7.94 -13.95 3.67
CA PRO A 622 -6.63 -13.62 3.11
C PRO A 622 -6.32 -12.13 3.07
N ARG A 623 -5.10 -11.80 3.44
CA ARG A 623 -4.61 -10.44 3.43
C ARG A 623 -3.48 -10.36 2.41
N THR A 624 -3.34 -9.24 1.73
CA THR A 624 -2.21 -9.05 0.82
C THR A 624 -0.99 -8.83 1.74
N SER A 625 0.19 -8.67 1.15
CA SER A 625 1.41 -8.52 1.93
C SER A 625 1.48 -7.21 2.72
N SER A 626 0.73 -6.19 2.30
CA SER A 626 0.72 -4.92 3.04
C SER A 626 -0.49 -4.87 3.99
N GLY A 627 -1.29 -5.92 4.00
CA GLY A 627 -2.44 -6.03 4.92
C GLY A 627 -3.79 -5.67 4.34
N LYS A 628 -3.86 -5.44 3.03
CA LYS A 628 -5.14 -5.14 2.41
C LYS A 628 -5.92 -6.45 2.36
N ILE A 629 -7.23 -6.37 2.17
CA ILE A 629 -8.05 -7.59 2.07
C ILE A 629 -7.76 -8.16 0.68
N GLY A 630 -7.46 -9.46 0.62
CA GLY A 630 -7.17 -10.13 -0.68
C GLY A 630 -8.43 -10.72 -1.28
N ARG A 631 -9.14 -9.94 -2.09
CA ARG A 631 -10.39 -10.40 -2.68
C ARG A 631 -10.25 -11.55 -3.66
N ARG A 632 -9.27 -11.44 -4.56
N ARG A 632 -9.37 -11.43 -4.64
CA ARG A 632 -8.99 -12.49 -5.54
CA ARG A 632 -9.21 -12.52 -5.59
C ARG A 632 -8.61 -13.75 -4.81
C ARG A 632 -8.06 -13.40 -5.13
N ALA A 633 -7.77 -13.61 -3.78
N ALA A 633 -8.29 -13.89 -3.92
CA ALA A 633 -7.34 -14.74 -2.98
CA ALA A 633 -7.45 -14.80 -3.18
C ALA A 633 -8.51 -15.31 -2.17
C ALA A 633 -8.50 -15.36 -2.22
N CYS A 634 -9.44 -14.45 -1.76
N CYS A 634 -9.44 -14.49 -1.87
CA CYS A 634 -10.60 -14.92 -1.02
CA CYS A 634 -10.60 -14.89 -1.08
C CYS A 634 -11.53 -15.68 -1.97
C CYS A 634 -11.48 -15.71 -2.00
N ARG A 635 -11.56 -15.27 -3.25
CA ARG A 635 -12.37 -15.95 -4.27
C ARG A 635 -11.71 -17.27 -4.64
N ALA A 636 -10.40 -17.24 -4.88
CA ALA A 636 -9.65 -18.45 -5.21
C ALA A 636 -9.82 -19.52 -4.12
N ALA A 637 -9.64 -19.14 -2.86
CA ALA A 637 -9.78 -20.09 -1.75
C ALA A 637 -11.23 -20.49 -1.45
N TYR A 638 -12.19 -19.65 -1.84
CA TYR A 638 -13.60 -19.98 -1.63
C TYR A 638 -13.97 -21.21 -2.49
N LEU A 639 -13.52 -21.17 -3.74
CA LEU A 639 -13.76 -22.25 -4.69
C LEU A 639 -13.09 -23.56 -4.30
N ASP A 640 -11.87 -23.47 -3.78
CA ASP A 640 -11.05 -24.63 -3.41
C ASP A 640 -11.46 -25.28 -2.08
N GLY A 641 -12.35 -24.64 -1.33
CA GLY A 641 -12.73 -25.14 0.00
C GLY A 641 -11.59 -24.89 0.97
N SER A 642 -10.63 -24.07 0.53
CA SER A 642 -9.44 -23.72 1.29
C SER A 642 -9.74 -22.66 2.33
N LEU A 643 -10.94 -22.10 2.30
CA LEU A 643 -11.31 -21.00 3.18
C LEU A 643 -12.28 -21.34 4.32
N ARG A 644 -13.20 -22.27 4.09
CA ARG A 644 -14.14 -22.65 5.15
C ARG A 644 -13.34 -23.23 6.31
N SER A 645 -12.32 -24.00 5.95
CA SER A 645 -11.41 -24.60 6.89
C SER A 645 -10.17 -23.72 6.95
N GLY A 646 -9.47 -23.75 8.07
CA GLY A 646 -8.25 -22.96 8.21
C GLY A 646 -8.00 -22.38 9.59
N VAL A 647 -6.88 -22.80 10.19
CA VAL A 647 -6.40 -22.32 11.48
C VAL A 647 -5.15 -21.53 11.14
N GLY A 648 -5.38 -20.48 10.35
CA GLY A 648 -4.32 -19.60 9.87
C GLY A 648 -5.00 -18.67 8.89
N SER A 649 -4.32 -18.23 7.83
CA SER A 649 -2.93 -18.54 7.54
C SER A 649 -2.14 -17.42 8.20
N PRO A 650 -1.14 -17.75 9.05
CA PRO A 650 -0.39 -16.66 9.68
C PRO A 650 0.04 -15.52 8.73
N THR A 651 -0.12 -14.31 9.23
CA THR A 651 0.26 -13.10 8.57
C THR A 651 0.65 -12.22 9.75
N VAL A 652 1.45 -11.19 9.53
CA VAL A 652 1.81 -10.33 10.65
C VAL A 652 0.63 -9.48 11.07
N PHE A 653 -0.36 -9.33 10.18
CA PHE A 653 -1.50 -8.51 10.44
C PHE A 653 -2.64 -9.18 11.21
N ALA A 654 -2.49 -10.46 11.56
CA ALA A 654 -3.54 -11.20 12.29
C ALA A 654 -3.73 -10.72 13.71
N THR A 655 -5.01 -10.64 14.12
CA THR A 655 -5.41 -10.29 15.48
C THR A 655 -6.74 -10.99 15.85
N SER A 656 -7.19 -10.77 17.09
CA SER A 656 -8.44 -11.35 17.59
C SER A 656 -9.15 -10.38 18.54
C15 649 B . -0.43 4.03 -1.80
C16 649 B . 0.60 3.03 -2.30
C13 649 B . -0.67 6.42 -0.94
C17 649 B . 0.01 1.70 -2.71
C11 649 B . 0.88 7.66 0.59
C10 649 B . 1.88 8.81 0.69
C2 649 B . 8.04 11.53 6.57
C1 649 B . 7.21 10.41 6.65
C6 649 B . 6.19 10.23 5.72
C5 649 B . 6.01 11.17 4.72
C4 649 B . 6.84 12.29 4.62
C3 649 B . 7.86 12.48 5.56
O2 649 B . -0.94 1.22 -2.12
C14 649 B . 0.27 5.34 -1.44
C12 649 B . 0.02 7.75 -0.64
C9 649 B . 2.69 8.65 1.98
C8 649 B . 3.78 9.70 2.04
C7 649 B . 4.38 9.79 3.42
O1 649 B . 5.03 11.05 3.76
N6 649 B . 0.62 1.07 -3.72
S 649 B . 0.03 -0.21 -4.32
O4 649 B . 0.24 -1.35 -3.43
O3 649 B . 0.77 -0.41 -5.58
O5 649 B . -1.45 -0.10 -4.54
C18 649 B . -2.02 0.92 -5.35
C19 649 B . -3.53 0.77 -5.40
O6 649 B . -4.10 0.91 -4.12
C22 649 B . -5.37 1.57 -4.21
C21 649 B . -5.60 1.86 -5.67
O7 649 B . -6.42 0.84 -6.27
C20 649 B . -4.20 1.84 -6.24
O8 649 B . -4.14 1.51 -7.60
N1 649 B . -5.40 2.83 -3.45
C25 649 B . -6.52 3.39 -3.00
N3 649 B . -7.81 3.02 -3.08
C26 649 B . -8.78 3.77 -2.54
N4 649 B . -8.54 4.92 -1.89
C27 649 B . -7.26 5.36 -1.77
N5 649 B . -7.01 6.52 -1.13
C24 649 B . -6.17 4.56 -2.36
N2 649 B . -4.83 4.67 -2.42
C23 649 B . -4.38 3.60 -3.11
CL CL C . 13.23 20.98 16.35
CL CL D . 33.85 -3.00 11.59
P PO4 E . -22.69 -20.98 25.45
O1 PO4 E . -24.04 -20.39 25.12
O2 PO4 E . -21.66 -19.87 25.55
O3 PO4 E . -22.76 -21.73 26.77
O4 PO4 E . -22.31 -21.94 24.34
P PO4 F . -1.85 -6.08 26.26
O1 PO4 F . -2.68 -4.85 26.60
O2 PO4 F . -1.03 -5.79 25.02
O3 PO4 F . -2.76 -7.26 25.98
O4 PO4 F . -0.94 -6.39 27.43
P PO4 G . -4.03 -8.26 -6.22
O1 PO4 G . -5.49 -8.48 -5.90
O2 PO4 G . -3.94 -7.34 -7.42
O3 PO4 G . -3.39 -9.58 -6.55
O4 PO4 G . -3.36 -7.61 -5.03
C1 PEG H . 0.45 -5.17 -1.61
O1 PEG H . -0.89 -5.35 -1.17
C2 PEG H . 0.69 -5.92 -2.93
O2 PEG H . 1.29 -7.19 -2.64
C3 PEG H . 0.52 -8.30 -3.13
C4 PEG H . 0.84 -9.55 -2.32
O4 PEG H . -0.35 -10.13 -1.76
C1 GOL I . -12.30 -6.01 15.24
O1 GOL I . -11.30 -5.93 16.27
C2 GOL I . -11.95 -5.07 14.09
O2 GOL I . -12.91 -5.22 13.03
C3 GOL I . -11.93 -3.61 14.55
O3 GOL I . -10.64 -3.30 15.09
C1 GOL J . -4.23 -11.43 20.88
O1 GOL J . -4.65 -10.97 19.59
C2 GOL J . -5.38 -12.17 21.58
O2 GOL J . -4.83 -13.17 22.47
C3 GOL J . -6.28 -11.21 22.38
O3 GOL J . -7.45 -10.83 21.63
#